data_9EJI
#
_entry.id   9EJI
#
_cell.length_a   101.840
_cell.length_b   81.827
_cell.length_c   143.167
_cell.angle_alpha   90.000
_cell.angle_beta   107.924
_cell.angle_gamma   90.000
#
_symmetry.space_group_name_H-M   'I 1 2 1'
#
loop_
_entity.id
_entity.type
_entity.pdbx_description
1 polymer 'HLA class II histocompatibility antigen DQ alpha chain'
2 polymer 'HLA class II histocompatibility antigen DQ beta chain'
3 polymer 'glut-L1 peptide'
4 polymer 'G9 T cell receptor alpha chain'
5 polymer 'G9 T cell receptor beta chain'
6 branched 2-acetamido-2-deoxy-beta-D-glucopyranose-(1-4)-2-acetamido-2-deoxy-beta-D-glucopyranose
7 non-polymer GLYCEROL
8 non-polymer 2-acetamido-2-deoxy-beta-D-glucopyranose
9 non-polymer 'ACETATE ION'
10 water water
#
loop_
_entity_poly.entity_id
_entity_poly.type
_entity_poly.pdbx_seq_one_letter_code
_entity_poly.pdbx_strand_id
1 'polypeptide(L)'
;EDIVADHVASYGVNLYQSYGPSGQFTHEFDGDEEFYVDLERKETVWKLPLFHRLRFDPQFALTNIAVLKHNLNILIKRSN
STAATNEVPEVTVFSKSPVTLGQPNTLICLVDNIFPPVVNITWLSNGHSVTEGVSETSFLSKSDHSFFKISYLTFLPSAD
EIYDCKVEHWGLDEPLLKHWEPET
;
A
2 'polypeptide(L)'
;RDSPEDFVYQFKGMCYFTNGTERVRLVSRSIYNREEIVRFDSDVGEFRAVTLLGLPAAEYWNSQKDILERKRAAVDRVCR
HNYQLELRTTLQRRVEPTVTISPSRTEALNHHNLLVCSVTDFYPAQIKVRWFRNGQEETAGVVSTPLIRNGDWTFQILVM
LEMTPQRGDVYTCHVEHPSLQSPITVEWRAQSESAQ
;
B
3 'polypeptide(L)' QPPASEQEQPVLP C
4 'polypeptide(L)'
;MQRKEVEQDPGPFNVPEGATVAFNCTYSNSASQSFFWYRQDCRKEPKLLMSVYSSGNEDGRFTAQLNRASQYISLLIRDS
KLSDSATYLCVVMGFQKLVFGTGTRLLVSPNIQNPDPAVYQLRDSKSSDKSVCLFTDFDSQTNVSQSKDSDVYITDKCVL
DMRSMDFKSNSAVAWSNKSDFACANAFNNSIIPEDTFFPSPESS
;
D
5 'polypeptide(L)'
;MGVTQTPRYLIKTRGQQVTLSCSPISGHRSVSWYQQTPGQGLQFLFEYFSETQRNKGNFPGRFSGRQFSNSRSEMNVSTL
ELGDSALYLCASSLRAESGELFFGEGSRLTVLEDLNKVFPPEVAVFEPSEAEISHTQKATLVCLATGFFPDHVELSWWVN
GKEVHSGVCTDPQPLKEQPALNDSRYALSSRLRVSATFWQNPRNHFRCQVQFYGLSENDEWTQDRAKPVTQIVSAEAWGR
AD
;
E
#
loop_
_chem_comp.id
_chem_comp.type
_chem_comp.name
_chem_comp.formula
ACT non-polymer 'ACETATE ION' 'C2 H3 O2 -1'
GOL non-polymer GLYCEROL 'C3 H8 O3'
NAG D-saccharide, beta linking 2-acetamido-2-deoxy-beta-D-glucopyranose 'C8 H15 N O6'
#
# COMPACT_ATOMS: atom_id res chain seq x y z
N ILE A 3 -5.62 4.57 -13.39
CA ILE A 3 -4.26 5.06 -13.54
C ILE A 3 -4.26 6.39 -14.29
N VAL A 4 -3.53 7.37 -13.75
CA VAL A 4 -3.44 8.71 -14.33
C VAL A 4 -2.15 8.81 -15.12
N ALA A 5 -2.26 9.23 -16.39
CA ALA A 5 -1.11 9.37 -17.25
C ALA A 5 -1.42 10.39 -18.34
N ASP A 6 -0.36 10.98 -18.90
CA ASP A 6 -0.54 11.91 -20.01
C ASP A 6 -0.91 11.19 -21.30
N HIS A 7 -0.28 10.04 -21.56
CA HIS A 7 -0.56 9.24 -22.73
C HIS A 7 -0.71 7.78 -22.32
N VAL A 8 -1.65 7.08 -22.96
CA VAL A 8 -1.87 5.66 -22.75
C VAL A 8 -1.87 4.96 -24.10
N ALA A 9 -1.09 3.89 -24.21
CA ALA A 9 -1.00 3.13 -25.44
C ALA A 9 -1.22 1.65 -25.16
N SER A 10 -1.70 0.94 -26.18
CA SER A 10 -1.84 -0.52 -26.14
C SER A 10 -1.01 -1.09 -27.28
N TYR A 11 0.10 -1.74 -26.95
CA TYR A 11 0.96 -2.43 -27.92
C TYR A 11 1.00 -3.91 -27.57
N GLY A 12 -0.06 -4.65 -27.88
CA GLY A 12 -1.26 -4.12 -28.50
C GLY A 12 -2.50 -4.68 -27.81
N VAL A 13 -3.63 -4.63 -28.50
CA VAL A 13 -4.87 -5.23 -28.02
C VAL A 13 -5.03 -6.56 -28.73
N ASN A 14 -4.96 -7.66 -27.97
CA ASN A 14 -5.09 -9.00 -28.49
C ASN A 14 -6.43 -9.58 -28.05
N LEU A 15 -7.18 -10.14 -28.99
CA LEU A 15 -8.51 -10.66 -28.71
C LEU A 15 -8.70 -11.99 -29.43
N TYR A 16 -9.29 -12.95 -28.74
CA TYR A 16 -9.67 -14.23 -29.33
C TYR A 16 -10.90 -14.75 -28.60
N GLN A 17 -11.88 -15.24 -29.37
CA GLN A 17 -13.13 -15.70 -28.79
C GLN A 17 -13.57 -16.99 -29.48
N SER A 18 -14.45 -17.72 -28.80
CA SER A 18 -14.89 -19.03 -29.28
C SER A 18 -15.93 -18.94 -30.38
N TYR A 19 -16.80 -17.92 -30.35
CA TYR A 19 -17.85 -17.80 -31.36
C TYR A 19 -17.24 -17.62 -32.74
N GLY A 20 -17.51 -18.57 -33.62
CA GLY A 20 -16.99 -18.56 -34.97
C GLY A 20 -15.54 -18.17 -34.99
N PRO A 21 -14.65 -19.12 -34.59
CA PRO A 21 -13.36 -18.74 -33.99
C PRO A 21 -12.74 -17.46 -34.54
N SER A 22 -12.95 -16.36 -33.83
CA SER A 22 -12.56 -15.04 -34.32
C SER A 22 -11.52 -14.41 -33.42
N GLY A 23 -10.65 -13.60 -34.04
CA GLY A 23 -9.63 -12.89 -33.31
C GLY A 23 -9.43 -11.49 -33.88
N GLN A 24 -8.70 -10.68 -33.13
CA GLN A 24 -8.40 -9.31 -33.53
C GLN A 24 -7.07 -8.89 -32.91
N PHE A 25 -6.28 -8.14 -33.67
CA PHE A 25 -5.00 -7.61 -33.20
C PHE A 25 -4.90 -6.16 -33.64
N THR A 26 -4.70 -5.26 -32.69
CA THR A 26 -4.59 -3.83 -32.99
C THR A 26 -3.56 -3.19 -32.05
N HIS A 27 -3.03 -2.06 -32.49
CA HIS A 27 -2.30 -1.15 -31.63
C HIS A 27 -3.12 0.12 -31.46
N GLU A 28 -3.23 0.60 -30.22
CA GLU A 28 -3.97 1.81 -29.90
C GLU A 28 -3.05 2.83 -29.24
N PHE A 29 -3.27 4.11 -29.55
CA PHE A 29 -2.53 5.19 -28.91
C PHE A 29 -3.51 6.29 -28.53
N ASP A 30 -3.56 6.60 -27.24
CA ASP A 30 -4.48 7.61 -26.69
C ASP A 30 -5.90 7.36 -27.15
N GLY A 31 -6.27 6.08 -27.24
CA GLY A 31 -7.63 5.67 -27.53
C GLY A 31 -7.98 5.50 -28.99
N ASP A 32 -7.05 5.72 -29.91
CA ASP A 32 -7.34 5.63 -31.34
C ASP A 32 -6.56 4.49 -31.98
N GLU A 33 -7.17 3.91 -33.01
CA GLU A 33 -6.61 2.76 -33.70
C GLU A 33 -5.46 3.18 -34.61
N GLU A 34 -4.28 2.60 -34.38
CA GLU A 34 -3.12 2.86 -35.24
C GLU A 34 -3.07 1.93 -36.43
N PHE A 35 -3.34 0.64 -36.21
CA PHE A 35 -3.40 -0.34 -37.28
C PHE A 35 -4.06 -1.60 -36.74
N TYR A 36 -4.47 -2.46 -37.65
CA TYR A 36 -4.90 -3.81 -37.32
C TYR A 36 -4.25 -4.80 -38.28
N VAL A 37 -4.18 -6.05 -37.85
CA VAL A 37 -3.65 -7.13 -38.66
C VAL A 37 -4.81 -7.98 -39.13
N ASP A 38 -4.98 -8.09 -40.45
CA ASP A 38 -5.96 -8.99 -41.04
C ASP A 38 -5.42 -10.41 -40.86
N LEU A 39 -5.91 -11.10 -39.82
CA LEU A 39 -5.38 -12.42 -39.48
C LEU A 39 -5.70 -13.47 -40.54
N GLU A 40 -6.74 -13.26 -41.36
CA GLU A 40 -7.02 -14.20 -42.44
C GLU A 40 -6.14 -13.91 -43.65
N ARG A 41 -6.01 -12.64 -44.03
CA ARG A 41 -5.19 -12.27 -45.18
C ARG A 41 -3.71 -12.15 -44.85
N LYS A 42 -3.35 -12.20 -43.56
CA LYS A 42 -1.95 -12.06 -43.13
C LYS A 42 -1.37 -10.72 -43.59
N GLU A 43 -2.07 -9.65 -43.21
CA GLU A 43 -1.82 -8.33 -43.77
C GLU A 43 -1.96 -7.27 -42.68
N THR A 44 -1.00 -6.34 -42.65
CA THR A 44 -1.08 -5.19 -41.76
C THR A 44 -1.81 -4.07 -42.48
N VAL A 45 -2.91 -3.60 -41.90
CA VAL A 45 -3.70 -2.51 -42.46
C VAL A 45 -3.52 -1.29 -41.56
N TRP A 46 -2.94 -0.24 -42.11
CA TRP A 46 -2.59 0.95 -41.34
C TRP A 46 -3.76 1.92 -41.30
N LYS A 47 -3.98 2.51 -40.11
CA LYS A 47 -5.03 3.48 -39.90
C LYS A 47 -4.50 4.85 -39.48
N LEU A 48 -3.19 5.03 -39.44
CA LEU A 48 -2.62 6.32 -39.05
C LEU A 48 -3.02 7.39 -40.07
N PRO A 49 -3.51 8.56 -39.61
CA PRO A 49 -3.94 9.62 -40.52
C PRO A 49 -2.79 10.51 -41.00
N LEU A 50 -1.74 9.87 -41.52
CA LEU A 50 -0.54 10.58 -41.93
C LEU A 50 0.28 9.68 -42.83
N PHE A 51 1.23 10.30 -43.55
CA PHE A 51 2.15 9.55 -44.40
C PHE A 51 3.34 9.07 -43.59
N HIS A 52 3.66 7.78 -43.76
CA HIS A 52 4.74 7.18 -42.97
C HIS A 52 5.24 5.93 -43.70
N ARG A 53 6.40 5.45 -43.26
CA ARG A 53 7.00 4.24 -43.80
C ARG A 53 7.03 3.11 -42.77
N LEU A 54 6.17 3.17 -41.77
CA LEU A 54 6.19 2.17 -40.70
C LEU A 54 5.80 0.80 -41.22
N ARG A 55 6.48 -0.22 -40.72
CA ARG A 55 6.22 -1.60 -41.10
C ARG A 55 5.98 -2.43 -39.85
N PHE A 56 5.05 -3.38 -39.93
CA PHE A 56 4.76 -4.28 -38.83
C PHE A 56 4.53 -5.68 -39.39
N ASP A 57 5.41 -6.61 -39.02
CA ASP A 57 5.30 -8.01 -39.42
C ASP A 57 3.97 -8.59 -38.94
N PRO A 58 3.07 -8.96 -39.85
CA PRO A 58 1.80 -9.55 -39.42
C PRO A 58 1.96 -10.92 -38.78
N GLN A 59 3.09 -11.59 -38.99
CA GLN A 59 3.31 -12.89 -38.36
C GLN A 59 3.39 -12.80 -36.84
N PHE A 60 3.75 -11.63 -36.30
CA PHE A 60 3.72 -11.46 -34.85
C PHE A 60 2.30 -11.63 -34.32
N ALA A 61 1.32 -11.03 -34.99
CA ALA A 61 -0.06 -11.10 -34.52
C ALA A 61 -0.57 -12.54 -34.54
N LEU A 62 -0.30 -13.27 -35.62
CA LEU A 62 -0.76 -14.65 -35.72
C LEU A 62 -0.16 -15.51 -34.62
N THR A 63 1.13 -15.31 -34.33
CA THR A 63 1.77 -16.09 -33.27
C THR A 63 1.20 -15.72 -31.89
N ASN A 64 0.96 -14.43 -31.66
CA ASN A 64 0.41 -14.02 -30.38
C ASN A 64 -1.02 -14.52 -30.19
N ILE A 65 -1.85 -14.44 -31.24
CA ILE A 65 -3.23 -14.91 -31.13
C ILE A 65 -3.27 -16.41 -30.89
N ALA A 66 -2.34 -17.16 -31.49
CA ALA A 66 -2.25 -18.59 -31.22
C ALA A 66 -2.00 -18.87 -29.74
N VAL A 67 -1.25 -18.01 -29.07
CA VAL A 67 -1.07 -18.16 -27.62
C VAL A 67 -2.37 -17.89 -26.90
N LEU A 68 -3.11 -16.85 -27.31
CA LEU A 68 -4.40 -16.55 -26.70
C LEU A 68 -5.37 -17.71 -26.87
N LYS A 69 -5.39 -18.33 -28.05
CA LYS A 69 -6.24 -19.50 -28.26
C LYS A 69 -5.84 -20.64 -27.33
N HIS A 70 -4.54 -20.84 -27.14
CA HIS A 70 -4.07 -21.87 -26.21
C HIS A 70 -4.54 -21.59 -24.79
N ASN A 71 -4.41 -20.33 -24.34
CA ASN A 71 -4.78 -20.00 -22.97
C ASN A 71 -6.29 -20.07 -22.77
N LEU A 72 -7.07 -19.59 -23.75
CA LEU A 72 -8.52 -19.57 -23.59
C LEU A 72 -9.08 -20.97 -23.43
N ASN A 73 -8.61 -21.92 -24.23
CA ASN A 73 -9.14 -23.28 -24.17
C ASN A 73 -8.84 -23.95 -22.83
N ILE A 74 -7.71 -23.62 -22.21
CA ILE A 74 -7.43 -24.14 -20.88
C ILE A 74 -8.31 -23.46 -19.84
N LEU A 75 -8.48 -22.14 -19.97
CA LEU A 75 -9.23 -21.39 -18.97
C LEU A 75 -10.72 -21.70 -19.04
N ILE A 76 -11.22 -22.10 -20.20
CA ILE A 76 -12.61 -22.55 -20.30
C ILE A 76 -12.84 -23.74 -19.37
N LYS A 77 -11.88 -24.67 -19.34
CA LYS A 77 -11.97 -25.81 -18.43
C LYS A 77 -11.86 -25.36 -16.97
N ARG A 78 -10.83 -24.56 -16.66
CA ARG A 78 -10.56 -24.21 -15.27
C ARG A 78 -11.70 -23.40 -14.65
N SER A 79 -12.46 -22.66 -15.46
CA SER A 79 -13.56 -21.85 -14.98
C SER A 79 -14.88 -22.61 -14.94
N ASN A 80 -14.86 -23.92 -15.21
CA ASN A 80 -16.08 -24.73 -15.30
C ASN A 80 -17.03 -24.17 -16.35
N SER A 81 -16.46 -23.84 -17.52
CA SER A 81 -17.23 -23.33 -18.66
C SER A 81 -18.05 -22.10 -18.29
N THR A 82 -17.43 -21.18 -17.56
CA THR A 82 -18.07 -19.90 -17.27
C THR A 82 -18.07 -19.06 -18.54
N ALA A 83 -19.25 -18.82 -19.09
CA ALA A 83 -19.38 -18.12 -20.36
C ALA A 83 -19.43 -16.60 -20.16
N ALA A 84 -19.21 -15.89 -21.26
CA ALA A 84 -19.30 -14.44 -21.23
C ALA A 84 -20.74 -13.99 -20.97
N THR A 85 -20.88 -12.87 -20.27
CA THR A 85 -22.17 -12.28 -19.98
C THR A 85 -22.48 -11.22 -21.02
N ASN A 86 -23.68 -11.28 -21.60
CA ASN A 86 -24.09 -10.33 -22.62
C ASN A 86 -24.44 -9.00 -21.97
N GLU A 87 -23.79 -7.93 -22.41
CA GLU A 87 -24.07 -6.59 -21.93
C GLU A 87 -25.03 -5.89 -22.90
N VAL A 88 -25.79 -4.94 -22.35
CA VAL A 88 -26.68 -4.11 -23.16
C VAL A 88 -25.86 -2.98 -23.78
N PRO A 89 -25.71 -2.96 -25.10
CA PRO A 89 -24.94 -1.87 -25.73
C PRO A 89 -25.71 -0.56 -25.70
N GLU A 90 -24.96 0.54 -25.73
CA GLU A 90 -25.51 1.89 -25.75
C GLU A 90 -25.12 2.55 -27.06
N VAL A 91 -26.11 3.09 -27.78
CA VAL A 91 -25.94 3.54 -29.15
C VAL A 91 -26.24 5.04 -29.22
N THR A 92 -25.35 5.78 -29.89
CA THR A 92 -25.52 7.20 -30.13
C THR A 92 -25.22 7.50 -31.58
N VAL A 93 -26.06 8.33 -32.21
CA VAL A 93 -25.88 8.75 -33.60
C VAL A 93 -25.72 10.26 -33.61
N PHE A 94 -24.69 10.73 -34.30
CA PHE A 94 -24.42 12.16 -34.38
C PHE A 94 -23.59 12.43 -35.62
N SER A 95 -23.58 13.70 -36.05
CA SER A 95 -22.85 14.11 -37.23
C SER A 95 -21.42 14.50 -36.85
N LYS A 96 -20.51 14.32 -37.82
CA LYS A 96 -19.11 14.68 -37.59
C LYS A 96 -18.92 16.19 -37.54
N SER A 97 -19.60 16.92 -38.41
CA SER A 97 -19.44 18.36 -38.57
C SER A 97 -20.80 19.03 -38.50
N PRO A 98 -20.83 20.35 -38.34
CA PRO A 98 -22.09 21.09 -38.48
C PRO A 98 -22.74 20.77 -39.82
N VAL A 99 -24.07 20.67 -39.79
CA VAL A 99 -24.83 20.11 -40.91
C VAL A 99 -25.35 21.23 -41.79
N THR A 100 -24.88 21.27 -43.03
CA THR A 100 -25.40 22.18 -44.05
C THR A 100 -26.05 21.36 -45.15
N LEU A 101 -27.27 21.75 -45.52
CA LEU A 101 -28.00 21.05 -46.57
C LEU A 101 -27.21 21.08 -47.88
N GLY A 102 -27.03 19.90 -48.48
CA GLY A 102 -26.32 19.81 -49.74
C GLY A 102 -24.81 19.84 -49.65
N GLN A 103 -24.25 19.75 -48.43
CA GLN A 103 -22.81 19.81 -48.23
C GLN A 103 -22.33 18.49 -47.63
N PRO A 104 -21.38 17.80 -48.26
CA PRO A 104 -20.99 16.47 -47.77
C PRO A 104 -20.62 16.45 -46.29
N ASN A 105 -21.07 15.39 -45.61
CA ASN A 105 -20.86 15.24 -44.18
C ASN A 105 -20.71 13.76 -43.88
N THR A 106 -20.61 13.42 -42.59
CA THR A 106 -20.47 12.04 -42.15
C THR A 106 -21.34 11.80 -40.93
N LEU A 107 -22.17 10.77 -41.00
CA LEU A 107 -22.91 10.31 -39.84
C LEU A 107 -22.07 9.31 -39.06
N ILE A 108 -22.12 9.41 -37.73
CA ILE A 108 -21.31 8.59 -36.84
C ILE A 108 -22.24 7.81 -35.94
N CYS A 109 -22.07 6.49 -35.91
CA CYS A 109 -22.85 5.62 -35.03
C CYS A 109 -21.89 5.00 -34.02
N LEU A 110 -21.97 5.46 -32.77
CA LEU A 110 -21.14 4.93 -31.70
C LEU A 110 -21.92 3.83 -30.97
N VAL A 111 -21.37 2.62 -30.98
CA VAL A 111 -21.92 1.50 -30.24
C VAL A 111 -20.97 1.23 -29.08
N ASP A 112 -21.40 1.58 -27.87
CA ASP A 112 -20.58 1.52 -26.68
C ASP A 112 -21.02 0.37 -25.77
N ASN A 113 -20.12 -0.02 -24.87
CA ASN A 113 -20.37 -1.09 -23.91
C ASN A 113 -20.72 -2.40 -24.61
N ILE A 114 -19.88 -2.79 -25.57
CA ILE A 114 -20.09 -4.01 -26.33
C ILE A 114 -19.38 -5.17 -25.63
N PHE A 115 -20.16 -6.17 -25.21
CA PHE A 115 -19.56 -7.44 -24.81
C PHE A 115 -20.59 -8.56 -24.89
N PRO A 116 -20.25 -9.69 -25.53
CA PRO A 116 -18.96 -9.99 -26.18
C PRO A 116 -18.78 -9.20 -27.49
N PRO A 117 -17.54 -9.17 -28.03
CA PRO A 117 -17.32 -8.37 -29.26
C PRO A 117 -17.87 -9.04 -30.51
N VAL A 118 -19.20 -9.14 -30.56
CA VAL A 118 -19.91 -9.64 -31.73
C VAL A 118 -21.10 -8.72 -31.96
N VAL A 119 -21.12 -8.04 -33.10
CA VAL A 119 -22.15 -7.03 -33.35
C VAL A 119 -22.35 -6.87 -34.85
N ASN A 120 -23.57 -6.51 -35.23
CA ASN A 120 -23.91 -6.10 -36.58
C ASN A 120 -24.35 -4.65 -36.53
N ILE A 121 -23.73 -3.80 -37.33
CA ILE A 121 -24.08 -2.39 -37.42
C ILE A 121 -24.38 -2.07 -38.87
N THR A 122 -25.61 -1.64 -39.15
CA THR A 122 -26.05 -1.32 -40.50
C THR A 122 -26.73 0.04 -40.50
N TRP A 123 -26.80 0.64 -41.68
CA TRP A 123 -27.41 1.94 -41.88
C TRP A 123 -28.68 1.81 -42.73
N LEU A 124 -29.68 2.62 -42.41
CA LEU A 124 -30.90 2.73 -43.20
C LEU A 124 -31.10 4.18 -43.58
N SER A 125 -31.59 4.40 -44.81
CA SER A 125 -31.95 5.74 -45.28
C SER A 125 -33.35 5.63 -45.87
N ASN A 126 -34.31 6.30 -45.24
CA ASN A 126 -35.72 6.23 -45.62
C ASN A 126 -36.20 4.78 -45.65
N GLY A 127 -35.73 3.99 -44.68
CA GLY A 127 -36.10 2.59 -44.58
C GLY A 127 -35.39 1.66 -45.54
N HIS A 128 -34.49 2.17 -46.38
CA HIS A 128 -33.74 1.36 -47.33
C HIS A 128 -32.34 1.09 -46.81
N SER A 129 -31.82 -0.09 -47.12
CA SER A 129 -30.47 -0.45 -46.73
C SER A 129 -29.45 0.38 -47.51
N VAL A 130 -28.39 0.80 -46.82
CA VAL A 130 -27.34 1.62 -47.43
C VAL A 130 -26.00 0.92 -47.19
N THR A 131 -25.26 0.68 -48.28
CA THR A 131 -23.93 0.10 -48.21
C THR A 131 -22.86 1.01 -48.78
N GLU A 132 -23.20 1.92 -49.69
CA GLU A 132 -22.23 2.85 -50.24
C GLU A 132 -21.80 3.86 -49.18
N GLY A 133 -20.49 4.09 -49.08
CA GLY A 133 -19.98 5.07 -48.15
C GLY A 133 -20.00 4.66 -46.70
N VAL A 134 -20.10 3.36 -46.42
CA VAL A 134 -20.15 2.85 -45.06
C VAL A 134 -18.80 2.24 -44.70
N SER A 135 -18.29 2.60 -43.52
CA SER A 135 -17.08 2.00 -42.99
C SER A 135 -17.20 1.93 -41.47
N GLU A 136 -16.24 1.27 -40.84
CA GLU A 136 -16.27 1.15 -39.38
C GLU A 136 -14.87 0.90 -38.86
N THR A 137 -14.70 1.21 -37.58
CA THR A 137 -13.46 0.92 -36.87
C THR A 137 -13.42 -0.54 -36.43
N SER A 138 -12.27 -0.96 -35.92
CA SER A 138 -12.18 -2.24 -35.23
C SER A 138 -12.87 -2.15 -33.88
N PHE A 139 -12.95 -3.28 -33.18
CA PHE A 139 -13.35 -3.25 -31.78
C PHE A 139 -12.27 -2.53 -30.98
N LEU A 140 -12.63 -1.42 -30.35
CA LEU A 140 -11.71 -0.58 -29.60
C LEU A 140 -11.88 -0.84 -28.11
N SER A 141 -10.76 -0.92 -27.40
CA SER A 141 -10.76 -1.41 -26.03
C SER A 141 -11.25 -0.36 -25.05
N LYS A 142 -11.76 -0.83 -23.91
CA LYS A 142 -12.15 0.00 -22.79
C LYS A 142 -11.53 -0.55 -21.51
N SER A 143 -11.39 0.34 -20.51
CA SER A 143 -10.71 -0.04 -19.28
C SER A 143 -11.50 -1.04 -18.44
N ASP A 144 -12.81 -1.15 -18.65
CA ASP A 144 -13.58 -2.21 -18.00
C ASP A 144 -13.63 -3.47 -18.84
N HIS A 145 -12.82 -3.54 -19.90
CA HIS A 145 -12.62 -4.70 -20.76
C HIS A 145 -13.84 -5.05 -21.60
N SER A 146 -14.82 -4.16 -21.69
CA SER A 146 -15.80 -4.20 -22.77
C SER A 146 -15.18 -3.49 -23.97
N PHE A 147 -15.97 -3.31 -25.04
CA PHE A 147 -15.48 -2.69 -26.26
C PHE A 147 -16.47 -1.63 -26.74
N PHE A 148 -16.01 -0.81 -27.67
CA PHE A 148 -16.90 0.06 -28.43
C PHE A 148 -16.47 0.02 -29.88
N LYS A 149 -17.42 0.34 -30.76
CA LYS A 149 -17.19 0.29 -32.20
C LYS A 149 -17.96 1.43 -32.84
N ILE A 150 -17.35 2.06 -33.84
CA ILE A 150 -17.94 3.22 -34.51
C ILE A 150 -18.11 2.89 -35.98
N SER A 151 -19.31 3.16 -36.49
CA SER A 151 -19.61 3.02 -37.91
C SER A 151 -19.87 4.39 -38.52
N TYR A 152 -19.39 4.59 -39.75
CA TYR A 152 -19.51 5.88 -40.42
C TYR A 152 -20.35 5.74 -41.69
N LEU A 153 -21.06 6.80 -42.03
CA LEU A 153 -21.82 6.88 -43.27
C LEU A 153 -21.63 8.28 -43.86
N THR A 154 -20.83 8.36 -44.92
CA THR A 154 -20.72 9.61 -45.66
C THR A 154 -22.02 9.83 -46.43
N PHE A 155 -22.56 11.05 -46.36
CA PHE A 155 -23.88 11.31 -46.91
C PHE A 155 -24.00 12.78 -47.31
N LEU A 156 -25.02 13.05 -48.13
CA LEU A 156 -25.35 14.40 -48.55
C LEU A 156 -26.61 14.84 -47.82
N PRO A 157 -26.50 15.72 -46.83
CA PRO A 157 -27.68 16.13 -46.06
C PRO A 157 -28.78 16.71 -46.94
N SER A 158 -29.99 16.21 -46.76
CA SER A 158 -31.13 16.61 -47.58
C SER A 158 -32.38 16.63 -46.71
N ALA A 159 -33.29 17.54 -47.03
CA ALA A 159 -34.57 17.59 -46.32
C ALA A 159 -35.45 16.40 -46.63
N ASP A 160 -35.13 15.61 -47.67
CA ASP A 160 -35.92 14.48 -48.08
C ASP A 160 -35.38 13.14 -47.55
N GLU A 161 -34.23 13.14 -46.90
CA GLU A 161 -33.54 11.90 -46.54
C GLU A 161 -33.41 11.78 -45.03
N ILE A 162 -33.72 10.59 -44.52
CA ILE A 162 -33.84 10.33 -43.09
C ILE A 162 -33.14 9.01 -42.79
N TYR A 163 -32.40 8.95 -41.67
CA TYR A 163 -31.46 7.86 -41.42
C TYR A 163 -31.73 7.18 -40.09
N ASP A 164 -31.35 5.89 -40.04
CA ASP A 164 -31.35 5.09 -38.82
C ASP A 164 -30.06 4.29 -38.76
N CYS A 165 -29.51 4.17 -37.55
CA CYS A 165 -28.44 3.21 -37.29
C CYS A 165 -29.06 2.00 -36.61
N LYS A 166 -28.82 0.82 -37.18
CA LYS A 166 -29.43 -0.42 -36.73
C LYS A 166 -28.34 -1.36 -36.22
N VAL A 167 -28.41 -1.73 -34.94
CA VAL A 167 -27.41 -2.58 -34.32
C VAL A 167 -28.11 -3.81 -33.75
N GLU A 168 -27.54 -4.98 -33.99
CA GLU A 168 -27.99 -6.24 -33.42
C GLU A 168 -26.92 -6.76 -32.48
N HIS A 169 -27.33 -7.14 -31.27
CA HIS A 169 -26.42 -7.69 -30.29
C HIS A 169 -27.20 -8.64 -29.39
N TRP A 170 -26.52 -9.69 -28.92
CA TRP A 170 -27.18 -10.70 -28.10
C TRP A 170 -27.73 -10.11 -26.80
N GLY A 171 -27.10 -9.05 -26.29
CA GLY A 171 -27.61 -8.34 -25.13
C GLY A 171 -28.89 -7.56 -25.38
N LEU A 172 -29.38 -7.53 -26.62
CA LEU A 172 -30.61 -6.84 -26.97
C LEU A 172 -31.67 -7.87 -27.33
N ASP A 173 -32.88 -7.70 -26.76
CA ASP A 173 -34.01 -8.54 -27.16
C ASP A 173 -34.44 -8.26 -28.59
N GLU A 174 -34.11 -7.08 -29.11
CA GLU A 174 -34.62 -6.58 -30.38
C GLU A 174 -33.53 -5.79 -31.07
N PRO A 175 -33.53 -5.77 -32.40
CA PRO A 175 -32.62 -4.86 -33.12
C PRO A 175 -32.86 -3.42 -32.69
N LEU A 176 -31.78 -2.73 -32.37
CA LEU A 176 -31.84 -1.36 -31.85
C LEU A 176 -31.66 -0.39 -33.01
N LEU A 177 -32.63 0.50 -33.19
CA LEU A 177 -32.61 1.51 -34.23
C LEU A 177 -32.48 2.88 -33.57
N LYS A 178 -31.45 3.62 -33.95
CA LYS A 178 -31.22 4.97 -33.44
C LYS A 178 -31.43 5.96 -34.58
N HIS A 179 -32.33 6.91 -34.36
CA HIS A 179 -32.81 7.80 -35.41
C HIS A 179 -31.96 9.06 -35.51
N TRP A 180 -31.88 9.60 -36.72
CA TRP A 180 -31.21 10.88 -36.94
C TRP A 180 -31.83 11.57 -38.15
N GLU A 181 -32.22 12.83 -37.97
CA GLU A 181 -32.76 13.67 -39.02
C GLU A 181 -31.98 14.98 -39.11
N PRO A 182 -31.89 15.56 -40.30
CA PRO A 182 -31.39 16.93 -40.40
C PRO A 182 -32.35 17.91 -39.76
N GLU A 183 -31.80 18.89 -39.05
CA GLU A 183 -32.63 19.86 -38.33
C GLU A 183 -33.31 20.79 -39.33
N THR A 184 -34.65 20.82 -39.30
CA THR A 184 -35.42 21.69 -40.17
C THR A 184 -36.85 21.86 -39.65
N SER B 3 -29.67 -17.14 -27.56
CA SER B 3 -28.36 -16.50 -27.47
C SER B 3 -27.25 -17.54 -27.36
N PRO B 4 -26.39 -17.60 -28.37
CA PRO B 4 -25.29 -18.56 -28.35
C PRO B 4 -24.26 -18.23 -27.27
N GLU B 5 -23.43 -19.22 -26.95
CA GLU B 5 -22.42 -19.11 -25.92
C GLU B 5 -21.11 -18.63 -26.52
N ASP B 6 -20.38 -17.83 -25.72
CA ASP B 6 -19.12 -17.26 -26.17
C ASP B 6 -18.13 -17.21 -25.01
N PHE B 7 -16.88 -17.57 -25.29
CA PHE B 7 -15.78 -17.49 -24.33
C PHE B 7 -14.71 -16.59 -24.92
N VAL B 8 -14.28 -15.58 -24.16
CA VAL B 8 -13.45 -14.50 -24.67
C VAL B 8 -12.17 -14.40 -23.85
N TYR B 9 -11.05 -14.21 -24.55
CA TYR B 9 -9.76 -13.98 -23.91
C TYR B 9 -9.13 -12.73 -24.51
N GLN B 10 -8.63 -11.84 -23.65
CA GLN B 10 -7.98 -10.61 -24.09
C GLN B 10 -6.60 -10.52 -23.44
N PHE B 11 -5.64 -10.01 -24.21
CA PHE B 11 -4.32 -9.65 -23.69
C PHE B 11 -3.99 -8.24 -24.14
N LYS B 12 -3.67 -7.37 -23.19
CA LYS B 12 -3.39 -5.97 -23.45
C LYS B 12 -2.00 -5.63 -22.93
N GLY B 13 -1.11 -5.25 -23.85
CA GLY B 13 0.19 -4.73 -23.47
C GLY B 13 0.16 -3.22 -23.40
N MET B 14 -0.09 -2.67 -22.22
CA MET B 14 -0.42 -1.26 -22.07
C MET B 14 0.76 -0.47 -21.53
N CYS B 15 0.98 0.71 -22.11
CA CYS B 15 2.05 1.62 -21.73
C CYS B 15 1.46 2.93 -21.26
N TYR B 16 2.00 3.45 -20.15
CA TYR B 16 1.54 4.71 -19.58
C TYR B 16 2.71 5.68 -19.54
N PHE B 17 2.52 6.87 -20.12
CA PHE B 17 3.56 7.88 -20.21
C PHE B 17 3.12 9.14 -19.47
N THR B 18 4.01 9.69 -18.66
CA THR B 18 3.78 10.95 -17.97
C THR B 18 5.00 11.84 -18.16
N ASN B 19 4.76 13.07 -18.63
CA ASN B 19 5.83 14.02 -18.94
C ASN B 19 6.79 13.44 -19.97
N GLY B 20 6.22 13.00 -21.10
CA GLY B 20 7.01 12.32 -22.11
C GLY B 20 7.53 10.98 -21.63
N THR B 21 8.85 10.84 -21.56
CA THR B 21 9.48 9.61 -21.09
C THR B 21 10.03 9.73 -19.67
N GLU B 22 9.54 10.70 -18.90
CA GLU B 22 10.01 10.86 -17.54
C GLU B 22 9.55 9.70 -16.66
N ARG B 23 8.27 9.35 -16.74
CA ARG B 23 7.74 8.15 -16.11
C ARG B 23 7.11 7.27 -17.17
N VAL B 24 7.66 6.08 -17.37
CA VAL B 24 7.15 5.10 -18.32
C VAL B 24 6.81 3.83 -17.53
N ARG B 25 5.59 3.33 -17.73
CA ARG B 25 5.07 2.22 -16.96
C ARG B 25 4.34 1.25 -17.87
N LEU B 26 4.67 -0.04 -17.77
CA LEU B 26 4.03 -1.08 -18.54
C LEU B 26 3.14 -1.92 -17.64
N VAL B 27 1.89 -2.12 -18.07
CA VAL B 27 0.95 -3.00 -17.39
C VAL B 27 0.36 -3.92 -18.44
N SER B 28 0.80 -5.17 -18.47
CA SER B 28 0.21 -6.19 -19.34
C SER B 28 -0.88 -6.93 -18.58
N ARG B 29 -2.05 -7.05 -19.21
CA ARG B 29 -3.24 -7.58 -18.56
C ARG B 29 -3.75 -8.80 -19.33
N SER B 30 -3.87 -9.93 -18.64
CA SER B 30 -4.49 -11.13 -19.18
C SER B 30 -5.91 -11.22 -18.63
N ILE B 31 -6.89 -11.27 -19.53
CA ILE B 31 -8.30 -11.12 -19.17
C ILE B 31 -9.08 -12.32 -19.71
N TYR B 32 -9.83 -12.97 -18.83
CA TYR B 32 -10.78 -14.00 -19.21
C TYR B 32 -12.17 -13.39 -19.22
N ASN B 33 -12.82 -13.41 -20.38
CA ASN B 33 -14.05 -12.66 -20.60
C ASN B 33 -13.81 -11.19 -20.27
N ARG B 34 -14.44 -10.68 -19.21
CA ARG B 34 -14.23 -9.31 -18.77
C ARG B 34 -13.51 -9.22 -17.43
N GLU B 35 -12.94 -10.33 -16.97
CA GLU B 35 -12.28 -10.39 -15.66
C GLU B 35 -10.77 -10.45 -15.88
N GLU B 36 -10.06 -9.41 -15.49
CA GLU B 36 -8.62 -9.47 -15.45
C GLU B 36 -8.18 -10.47 -14.40
N ILE B 37 -7.35 -11.44 -14.79
CA ILE B 37 -6.95 -12.51 -13.89
C ILE B 37 -5.47 -12.44 -13.53
N VAL B 38 -4.60 -12.01 -14.44
CA VAL B 38 -3.17 -11.87 -14.18
C VAL B 38 -2.73 -10.51 -14.71
N ARG B 39 -1.69 -9.96 -14.11
CA ARG B 39 -1.19 -8.65 -14.47
C ARG B 39 0.31 -8.59 -14.19
N PHE B 40 1.07 -8.01 -15.12
CA PHE B 40 2.47 -7.65 -14.88
C PHE B 40 2.57 -6.12 -14.90
N ASP B 41 2.75 -5.53 -13.73
CA ASP B 41 2.97 -4.10 -13.59
C ASP B 41 4.46 -3.87 -13.42
N SER B 42 5.04 -3.04 -14.29
CA SER B 42 6.48 -2.79 -14.23
C SER B 42 6.88 -2.13 -12.92
N ASP B 43 5.98 -1.40 -12.29
CA ASP B 43 6.26 -0.86 -10.96
C ASP B 43 6.43 -1.97 -9.95
N VAL B 44 5.74 -3.09 -10.13
CA VAL B 44 5.78 -4.20 -9.17
C VAL B 44 6.91 -5.17 -9.49
N GLY B 45 7.14 -5.46 -10.77
CA GLY B 45 8.27 -6.26 -11.17
C GLY B 45 8.03 -7.76 -11.27
N GLU B 46 6.80 -8.21 -11.05
CA GLU B 46 6.50 -9.63 -11.13
C GLU B 46 5.01 -9.81 -11.41
N PHE B 47 4.65 -10.98 -11.90
CA PHE B 47 3.26 -11.28 -12.18
C PHE B 47 2.46 -11.35 -10.87
N ARG B 48 1.27 -10.76 -10.89
CA ARG B 48 0.39 -10.76 -9.73
C ARG B 48 -0.98 -11.28 -10.14
N ALA B 49 -1.51 -12.22 -9.35
CA ALA B 49 -2.83 -12.77 -9.60
C ALA B 49 -3.89 -11.76 -9.17
N VAL B 50 -4.77 -11.39 -10.09
CA VAL B 50 -5.86 -10.50 -9.75
C VAL B 50 -7.02 -11.29 -9.15
N THR B 51 -7.28 -12.48 -9.67
CA THR B 51 -8.31 -13.38 -9.16
C THR B 51 -7.72 -14.78 -9.01
N LEU B 52 -8.49 -15.67 -8.37
CA LEU B 52 -8.04 -17.04 -8.17
C LEU B 52 -7.76 -17.74 -9.49
N LEU B 53 -8.54 -17.43 -10.54
CA LEU B 53 -8.34 -18.08 -11.82
C LEU B 53 -6.95 -17.85 -12.38
N GLY B 54 -6.34 -16.70 -12.06
CA GLY B 54 -5.02 -16.39 -12.57
C GLY B 54 -3.85 -16.77 -11.68
N LEU B 55 -4.11 -17.31 -10.48
CA LEU B 55 -3.01 -17.61 -9.57
C LEU B 55 -2.06 -18.67 -10.12
N PRO B 56 -2.51 -19.81 -10.67
CA PRO B 56 -1.53 -20.76 -11.22
C PRO B 56 -0.68 -20.17 -12.33
N ALA B 57 -1.25 -19.28 -13.15
CA ALA B 57 -0.47 -18.66 -14.21
C ALA B 57 0.59 -17.74 -13.64
N ALA B 58 0.22 -16.91 -12.67
CA ALA B 58 1.18 -15.96 -12.09
C ALA B 58 2.32 -16.68 -11.40
N GLU B 59 2.02 -17.75 -10.65
CA GLU B 59 3.07 -18.49 -9.97
C GLU B 59 4.00 -19.17 -10.95
N TYR B 60 3.46 -19.76 -12.01
CA TYR B 60 4.30 -20.44 -13.00
C TYR B 60 5.22 -19.46 -13.71
N TRP B 61 4.66 -18.40 -14.28
CA TRP B 61 5.47 -17.42 -15.01
C TRP B 61 6.53 -16.80 -14.12
N ASN B 62 6.21 -16.59 -12.84
CA ASN B 62 7.17 -16.03 -11.91
C ASN B 62 8.32 -16.98 -11.65
N SER B 63 8.10 -18.28 -11.78
CA SER B 63 9.15 -19.27 -11.57
C SER B 63 10.08 -19.41 -12.77
N GLN B 64 9.71 -18.84 -13.92
CA GLN B 64 10.54 -18.90 -15.12
C GLN B 64 11.43 -17.67 -15.17
N LYS B 65 12.74 -17.88 -15.08
CA LYS B 65 13.68 -16.76 -15.01
C LYS B 65 13.75 -16.01 -16.33
N ASP B 66 13.71 -16.72 -17.46
CA ASP B 66 13.80 -16.07 -18.76
C ASP B 66 12.55 -15.22 -19.04
N ILE B 67 11.38 -15.67 -18.59
CA ILE B 67 10.17 -14.88 -18.79
C ILE B 67 10.22 -13.61 -17.96
N LEU B 68 10.64 -13.71 -16.70
CA LEU B 68 10.74 -12.53 -15.84
C LEU B 68 11.72 -11.52 -16.41
N GLU B 69 12.85 -12.01 -16.93
CA GLU B 69 13.84 -11.10 -17.52
C GLU B 69 13.26 -10.36 -18.71
N ARG B 70 12.52 -11.06 -19.58
CA ARG B 70 11.93 -10.40 -20.74
C ARG B 70 10.86 -9.40 -20.32
N LYS B 71 10.04 -9.75 -19.33
CA LYS B 71 9.00 -8.83 -18.87
C LYS B 71 9.60 -7.57 -18.26
N ARG B 72 10.69 -7.72 -17.50
CA ARG B 72 11.30 -6.57 -16.84
C ARG B 72 11.93 -5.61 -17.84
N ALA B 73 12.34 -6.11 -19.00
CA ALA B 73 12.87 -5.25 -20.06
C ALA B 73 11.79 -4.70 -20.98
N ALA B 74 10.56 -5.20 -20.86
CA ALA B 74 9.51 -4.85 -21.82
C ALA B 74 9.18 -3.36 -21.79
N VAL B 75 9.28 -2.72 -20.63
CA VAL B 75 8.97 -1.30 -20.54
C VAL B 75 9.94 -0.48 -21.38
N ASP B 76 11.15 -0.99 -21.60
CA ASP B 76 12.12 -0.32 -22.46
C ASP B 76 12.05 -0.80 -23.89
N ARG B 77 11.91 -2.11 -24.10
CA ARG B 77 11.90 -2.66 -25.45
C ARG B 77 10.58 -2.39 -26.18
N VAL B 78 9.53 -2.01 -25.47
CA VAL B 78 8.23 -1.78 -26.10
C VAL B 78 7.80 -0.33 -25.89
N CYS B 79 7.59 0.06 -24.63
CA CYS B 79 7.00 1.37 -24.35
C CYS B 79 7.96 2.51 -24.74
N ARG B 80 9.19 2.48 -24.22
CA ARG B 80 10.16 3.52 -24.56
C ARG B 80 10.51 3.48 -26.05
N HIS B 81 10.68 2.29 -26.60
CA HIS B 81 11.04 2.16 -28.01
C HIS B 81 9.97 2.77 -28.90
N ASN B 82 8.70 2.51 -28.60
CA ASN B 82 7.62 2.97 -29.47
C ASN B 82 7.32 4.46 -29.30
N TYR B 83 7.63 5.04 -28.14
CA TYR B 83 7.40 6.46 -27.95
C TYR B 83 8.24 7.30 -28.90
N GLN B 84 9.42 6.80 -29.29
CA GLN B 84 10.23 7.49 -30.28
C GLN B 84 9.50 7.55 -31.63
N LEU B 85 8.81 6.46 -31.98
CA LEU B 85 8.05 6.46 -33.24
C LEU B 85 6.83 7.35 -33.14
N GLU B 86 6.20 7.42 -31.95
CA GLU B 86 5.05 8.31 -31.78
C GLU B 86 5.47 9.76 -31.88
N LEU B 87 6.66 10.10 -31.37
CA LEU B 87 7.15 11.47 -31.43
C LEU B 87 7.29 11.94 -32.87
N ARG B 88 7.53 11.03 -33.80
CA ARG B 88 7.68 11.36 -35.22
C ARG B 88 6.39 11.21 -36.01
N THR B 89 5.32 10.73 -35.39
CA THR B 89 4.06 10.52 -36.10
C THR B 89 2.88 11.13 -35.36
N THR B 90 2.26 10.34 -34.46
CA THR B 90 1.00 10.76 -33.85
C THR B 90 1.15 12.04 -33.05
N LEU B 91 2.26 12.19 -32.33
CA LEU B 91 2.43 13.35 -31.46
C LEU B 91 2.74 14.63 -32.22
N GLN B 92 2.98 14.56 -33.53
CA GLN B 92 3.10 15.74 -34.36
C GLN B 92 1.77 16.21 -34.92
N ARG B 93 0.73 15.37 -34.83
CA ARG B 93 -0.55 15.67 -35.45
C ARG B 93 -1.21 16.86 -34.78
N ARG B 94 -1.53 17.89 -35.56
CA ARG B 94 -2.26 19.05 -35.08
C ARG B 94 -3.33 19.39 -36.10
N VAL B 95 -4.60 19.30 -35.68
CA VAL B 95 -5.73 19.65 -36.52
C VAL B 95 -6.53 20.73 -35.81
N GLU B 96 -6.66 21.89 -36.45
CA GLU B 96 -7.27 23.03 -35.80
C GLU B 96 -8.79 22.83 -35.70
N PRO B 97 -9.40 23.26 -34.60
CA PRO B 97 -10.85 23.08 -34.44
C PRO B 97 -11.66 24.07 -35.25
N THR B 98 -12.84 23.61 -35.67
CA THR B 98 -13.86 24.46 -36.26
C THR B 98 -14.81 24.92 -35.16
N VAL B 99 -15.06 26.22 -35.09
CA VAL B 99 -15.81 26.83 -34.00
C VAL B 99 -17.05 27.51 -34.58
N THR B 100 -18.22 27.13 -34.08
CA THR B 100 -19.49 27.71 -34.52
C THR B 100 -20.40 27.89 -33.32
N ILE B 101 -21.25 28.91 -33.39
CA ILE B 101 -22.25 29.19 -32.37
C ILE B 101 -23.63 29.18 -33.03
N SER B 102 -24.59 28.53 -32.36
CA SER B 102 -25.94 28.46 -32.87
C SER B 102 -26.90 28.25 -31.70
N PRO B 103 -28.08 28.85 -31.73
CA PRO B 103 -29.06 28.60 -30.66
C PRO B 103 -29.63 27.20 -30.74
N SER B 104 -30.03 26.69 -29.59
CA SER B 104 -30.61 25.35 -29.50
C SER B 104 -32.13 25.41 -29.53
N ASN B 113 -33.37 28.76 -22.62
CA ASN B 113 -32.74 29.15 -23.87
C ASN B 113 -31.24 28.90 -23.81
N LEU B 114 -30.74 28.07 -24.73
CA LEU B 114 -29.37 27.60 -24.71
C LEU B 114 -28.63 28.05 -25.95
N LEU B 115 -27.42 28.56 -25.76
CA LEU B 115 -26.50 28.90 -26.84
C LEU B 115 -25.39 27.86 -26.88
N VAL B 116 -25.20 27.24 -28.05
CA VAL B 116 -24.28 26.11 -28.20
C VAL B 116 -23.05 26.58 -28.97
N CYS B 117 -21.89 26.52 -28.32
CA CYS B 117 -20.61 26.66 -29.01
C CYS B 117 -20.15 25.27 -29.43
N SER B 118 -20.04 25.06 -30.73
CA SER B 118 -19.70 23.75 -31.29
C SER B 118 -18.25 23.78 -31.76
N VAL B 119 -17.44 22.88 -31.20
CA VAL B 119 -16.01 22.80 -31.48
C VAL B 119 -15.75 21.41 -32.03
N THR B 120 -15.47 21.33 -33.34
CA THR B 120 -15.46 20.05 -34.04
C THR B 120 -14.14 19.83 -34.77
N ASP B 121 -13.79 18.55 -34.93
CA ASP B 121 -12.71 18.09 -35.80
C ASP B 121 -11.35 18.67 -35.37
N PHE B 122 -10.98 18.40 -34.12
CA PHE B 122 -9.69 18.84 -33.61
C PHE B 122 -8.93 17.66 -33.03
N TYR B 123 -7.60 17.84 -32.93
CA TYR B 123 -6.68 16.88 -32.37
C TYR B 123 -5.41 17.63 -31.99
N PRO B 124 -4.83 17.39 -30.81
CA PRO B 124 -5.24 16.38 -29.81
C PRO B 124 -6.44 16.80 -28.96
N ALA B 125 -6.70 16.03 -27.91
CA ALA B 125 -7.89 16.23 -27.10
C ALA B 125 -7.79 17.44 -26.18
N GLN B 126 -6.58 17.89 -25.85
CA GLN B 126 -6.41 19.02 -24.95
C GLN B 126 -7.05 20.27 -25.54
N ILE B 127 -8.01 20.85 -24.82
CA ILE B 127 -8.73 22.02 -25.30
C ILE B 127 -9.38 22.73 -24.12
N LYS B 128 -9.48 24.05 -24.22
CA LYS B 128 -10.17 24.87 -23.23
C LYS B 128 -11.13 25.81 -23.96
N VAL B 129 -12.38 25.83 -23.51
CA VAL B 129 -13.43 26.64 -24.13
C VAL B 129 -14.11 27.45 -23.03
N ARG B 130 -14.34 28.73 -23.29
CA ARG B 130 -14.98 29.60 -22.31
C ARG B 130 -15.98 30.52 -22.98
N TRP B 131 -17.05 30.83 -22.26
CA TRP B 131 -18.12 31.69 -22.74
C TRP B 131 -17.98 33.09 -22.16
N PHE B 132 -18.27 34.09 -22.98
CA PHE B 132 -18.24 35.49 -22.57
C PHE B 132 -19.52 36.17 -23.02
N ARG B 133 -20.04 37.05 -22.18
CA ARG B 133 -21.23 37.84 -22.49
C ARG B 133 -20.95 39.30 -22.17
N ASN B 134 -20.93 40.14 -23.20
CA ASN B 134 -20.61 41.56 -23.05
C ASN B 134 -19.27 41.77 -22.37
N GLY B 135 -18.29 40.92 -22.74
CA GLY B 135 -16.96 41.01 -22.18
C GLY B 135 -16.75 40.31 -20.86
N GLN B 136 -17.82 39.88 -20.19
CA GLN B 136 -17.73 39.24 -18.89
C GLN B 136 -17.79 37.72 -19.05
N GLU B 137 -16.82 37.02 -18.48
CA GLU B 137 -16.81 35.56 -18.54
C GLU B 137 -17.98 34.98 -17.77
N GLU B 138 -18.75 34.11 -18.41
CA GLU B 138 -19.88 33.44 -17.78
C GLU B 138 -19.39 32.12 -17.21
N THR B 139 -19.39 32.00 -15.88
CA THR B 139 -18.95 30.77 -15.22
C THR B 139 -20.11 29.82 -14.97
N ALA B 140 -21.23 30.33 -14.47
CA ALA B 140 -22.40 29.52 -14.19
C ALA B 140 -23.35 29.53 -15.40
N GLY B 141 -24.21 28.52 -15.45
CA GLY B 141 -25.04 28.30 -16.61
C GLY B 141 -24.32 27.67 -17.78
N VAL B 142 -23.03 27.42 -17.66
CA VAL B 142 -22.24 26.80 -18.72
C VAL B 142 -22.26 25.29 -18.50
N VAL B 143 -22.97 24.57 -19.36
CA VAL B 143 -23.04 23.11 -19.32
C VAL B 143 -22.34 22.59 -20.56
N SER B 144 -21.42 21.64 -20.38
CA SER B 144 -20.61 21.13 -21.45
C SER B 144 -20.81 19.63 -21.62
N THR B 145 -20.86 19.19 -22.88
CA THR B 145 -20.88 17.77 -23.17
C THR B 145 -19.52 17.16 -22.84
N PRO B 146 -19.44 15.84 -22.69
CA PRO B 146 -18.13 15.20 -22.60
C PRO B 146 -17.37 15.35 -23.91
N LEU B 147 -16.06 15.14 -23.81
CA LEU B 147 -15.23 15.08 -25.01
C LEU B 147 -15.66 13.89 -25.87
N ILE B 148 -16.04 14.15 -27.11
CA ILE B 148 -16.59 13.13 -28.00
C ILE B 148 -15.50 12.65 -28.93
N ARG B 149 -15.19 11.36 -28.86
CA ARG B 149 -14.21 10.73 -29.73
C ARG B 149 -14.90 10.27 -31.01
N ASN B 150 -14.45 10.78 -32.16
CA ASN B 150 -15.06 10.42 -33.43
C ASN B 150 -14.53 9.12 -33.99
N GLY B 151 -13.36 8.66 -33.53
CA GLY B 151 -12.76 7.44 -34.00
C GLY B 151 -11.87 7.58 -35.21
N ASP B 152 -11.87 8.74 -35.87
CA ASP B 152 -11.02 9.00 -37.02
C ASP B 152 -9.85 9.93 -36.66
N TRP B 153 -9.38 9.85 -35.42
CA TRP B 153 -8.32 10.72 -34.90
C TRP B 153 -8.73 12.19 -34.89
N THR B 154 -10.03 12.44 -34.65
CA THR B 154 -10.51 13.79 -34.38
C THR B 154 -11.50 13.73 -33.23
N PHE B 155 -11.67 14.87 -32.57
CA PHE B 155 -12.60 15.02 -31.46
C PHE B 155 -13.61 16.12 -31.77
N GLN B 156 -14.65 16.20 -30.95
CA GLN B 156 -15.54 17.34 -30.93
C GLN B 156 -16.11 17.50 -29.54
N ILE B 157 -16.57 18.71 -29.24
CA ILE B 157 -17.16 19.02 -27.94
C ILE B 157 -18.16 20.15 -28.13
N LEU B 158 -19.24 20.10 -27.36
CA LEU B 158 -20.29 21.12 -27.39
C LEU B 158 -20.41 21.74 -26.00
N VAL B 159 -20.30 23.06 -25.93
CA VAL B 159 -20.35 23.79 -24.66
C VAL B 159 -21.53 24.76 -24.74
N MET B 160 -22.53 24.54 -23.89
CA MET B 160 -23.75 25.33 -23.89
C MET B 160 -23.70 26.39 -22.81
N LEU B 161 -24.45 27.47 -23.03
CA LEU B 161 -24.57 28.56 -22.08
C LEU B 161 -26.04 28.91 -21.91
N GLU B 162 -26.52 28.87 -20.67
CA GLU B 162 -27.88 29.30 -20.37
C GLU B 162 -27.97 30.81 -20.55
N MET B 163 -28.71 31.24 -21.57
CA MET B 163 -28.78 32.64 -21.95
C MET B 163 -30.20 33.18 -21.76
N THR B 164 -30.28 34.47 -21.53
CA THR B 164 -31.54 35.20 -21.53
C THR B 164 -31.49 36.23 -22.65
N PRO B 165 -32.14 35.97 -23.79
CA PRO B 165 -32.14 36.94 -24.89
C PRO B 165 -32.58 38.33 -24.43
N GLN B 166 -31.60 39.23 -24.29
CA GLN B 166 -31.85 40.57 -23.74
C GLN B 166 -31.10 41.58 -24.61
N ARG B 167 -31.78 42.08 -25.63
CA ARG B 167 -31.34 43.20 -26.46
C ARG B 167 -29.99 42.83 -27.10
N GLY B 168 -29.03 43.75 -27.16
CA GLY B 168 -27.77 43.49 -27.83
C GLY B 168 -26.70 42.89 -26.94
N ASP B 169 -27.04 41.81 -26.26
CA ASP B 169 -26.04 41.06 -25.51
C ASP B 169 -25.09 40.39 -26.49
N VAL B 170 -23.79 40.64 -26.30
CA VAL B 170 -22.76 40.14 -27.21
C VAL B 170 -22.16 38.89 -26.59
N TYR B 171 -22.44 37.74 -27.18
CA TYR B 171 -21.91 36.46 -26.72
C TYR B 171 -20.71 36.06 -27.56
N THR B 172 -19.66 35.58 -26.89
CA THR B 172 -18.41 35.23 -27.55
C THR B 172 -17.90 33.91 -27.02
N CYS B 173 -17.60 32.98 -27.92
CA CYS B 173 -16.97 31.71 -27.56
C CYS B 173 -15.46 31.83 -27.77
N HIS B 174 -14.70 31.36 -26.78
CA HIS B 174 -13.25 31.53 -26.75
C HIS B 174 -12.60 30.16 -26.60
N VAL B 175 -11.79 29.77 -27.57
CA VAL B 175 -11.27 28.41 -27.67
C VAL B 175 -9.76 28.46 -27.74
N GLU B 176 -9.11 27.65 -26.89
CA GLU B 176 -7.66 27.48 -26.89
C GLU B 176 -7.31 26.02 -27.13
N HIS B 177 -6.27 25.78 -27.92
CA HIS B 177 -5.93 24.44 -28.37
C HIS B 177 -4.47 24.42 -28.80
N PRO B 178 -3.76 23.30 -28.61
CA PRO B 178 -2.33 23.27 -28.97
C PRO B 178 -2.04 23.55 -30.44
N SER B 179 -3.03 23.41 -31.32
CA SER B 179 -2.81 23.71 -32.73
C SER B 179 -2.84 25.20 -33.04
N LEU B 180 -3.32 26.03 -32.11
CA LEU B 180 -3.53 27.45 -32.35
C LEU B 180 -2.42 28.27 -31.71
N GLN B 181 -1.77 29.12 -32.51
CA GLN B 181 -0.82 30.06 -31.94
C GLN B 181 -1.52 31.12 -31.09
N SER B 182 -2.74 31.48 -31.46
CA SER B 182 -3.57 32.43 -30.73
C SER B 182 -4.97 31.84 -30.57
N PRO B 183 -5.67 32.19 -29.50
CA PRO B 183 -7.01 31.64 -29.28
C PRO B 183 -7.99 32.10 -30.34
N ILE B 184 -8.98 31.26 -30.61
CA ILE B 184 -10.06 31.57 -31.53
C ILE B 184 -11.21 32.19 -30.74
N THR B 185 -11.72 33.31 -31.22
CA THR B 185 -12.88 33.97 -30.63
C THR B 185 -13.94 34.14 -31.71
N VAL B 186 -15.13 33.60 -31.45
CA VAL B 186 -16.26 33.67 -32.37
C VAL B 186 -17.38 34.40 -31.67
N GLU B 187 -18.03 35.32 -32.39
CA GLU B 187 -19.04 36.21 -31.82
C GLU B 187 -20.43 35.86 -32.35
N TRP B 188 -21.42 35.91 -31.46
CA TRP B 188 -22.82 35.68 -31.81
C TRP B 188 -23.66 36.78 -31.18
N ARG B 189 -24.56 37.35 -31.98
CA ARG B 189 -25.55 38.29 -31.47
C ARG B 189 -26.93 37.84 -31.94
N ALA B 195 -28.81 38.36 -29.62
CA ALA B 195 -29.94 37.75 -30.31
C ALA B 195 -30.17 38.40 -31.67
N GLN B 196 -30.69 37.63 -32.62
CA GLN B 196 -30.98 38.13 -33.96
C GLN B 196 -32.25 38.97 -33.98
N GLN C 1 13.95 0.75 -37.45
CA GLN C 1 13.35 -0.14 -36.46
C GLN C 1 11.83 -0.09 -36.53
N PRO C 2 11.20 -1.26 -36.65
CA PRO C 2 9.74 -1.31 -36.71
C PRO C 2 9.13 -1.18 -35.32
N PRO C 3 7.84 -0.86 -35.22
CA PRO C 3 7.19 -0.81 -33.91
C PRO C 3 7.22 -2.17 -33.23
N ALA C 4 7.33 -2.15 -31.91
CA ALA C 4 7.38 -3.35 -31.09
C ALA C 4 6.02 -3.62 -30.45
N SER C 5 5.83 -4.86 -30.03
CA SER C 5 4.58 -5.29 -29.41
C SER C 5 4.88 -6.35 -28.37
N GLU C 6 4.02 -6.43 -27.36
CA GLU C 6 4.23 -7.30 -26.21
C GLU C 6 3.60 -8.67 -26.44
N GLN C 7 4.35 -9.71 -26.10
CA GLN C 7 3.88 -11.09 -26.26
C GLN C 7 3.13 -11.56 -25.04
N GLU C 8 2.12 -12.40 -25.26
CA GLU C 8 1.45 -13.10 -24.19
C GLU C 8 2.17 -14.42 -23.92
N GLN C 9 2.13 -14.85 -22.65
CA GLN C 9 2.77 -16.11 -22.30
C GLN C 9 1.76 -17.24 -22.27
N PRO C 10 2.14 -18.44 -22.71
CA PRO C 10 1.23 -19.58 -22.60
C PRO C 10 1.08 -20.03 -21.16
N VAL C 11 -0.13 -20.46 -20.81
CA VAL C 11 -0.38 -21.02 -19.50
C VAL C 11 -0.13 -22.52 -19.55
N LEU C 12 0.09 -23.12 -18.39
CA LEU C 12 0.33 -24.56 -18.36
C LEU C 12 -0.99 -25.32 -18.41
N PRO C 13 -1.06 -26.40 -19.20
CA PRO C 13 -2.26 -27.24 -19.31
C PRO C 13 -2.68 -27.83 -17.96
N ARG D 3 -14.62 -14.69 10.75
CA ARG D 3 -13.24 -14.76 11.21
C ARG D 3 -12.41 -13.65 10.59
N LYS D 4 -11.21 -13.43 11.15
CA LYS D 4 -10.26 -12.51 10.54
C LYS D 4 -9.66 -13.14 9.29
N GLU D 5 -9.14 -12.27 8.41
CA GLU D 5 -8.52 -12.76 7.19
C GLU D 5 -7.27 -13.59 7.50
N VAL D 6 -6.52 -13.19 8.52
CA VAL D 6 -5.32 -13.90 8.94
C VAL D 6 -5.45 -14.19 10.43
N GLU D 7 -5.37 -15.47 10.80
CA GLU D 7 -5.56 -15.90 12.18
C GLU D 7 -4.33 -16.68 12.64
N GLN D 8 -3.86 -16.36 13.84
CA GLN D 8 -2.64 -16.94 14.39
C GLN D 8 -2.91 -17.54 15.76
N ASP D 9 -1.94 -18.32 16.25
CA ASP D 9 -1.99 -18.84 17.59
C ASP D 9 -2.15 -17.69 18.59
N PRO D 10 -3.12 -17.75 19.50
CA PRO D 10 -3.41 -16.60 20.38
C PRO D 10 -2.39 -16.39 21.49
N GLY D 11 -2.61 -17.05 22.63
CA GLY D 11 -1.86 -16.79 23.84
C GLY D 11 -0.36 -16.99 23.71
N PRO D 12 0.40 -16.55 24.71
CA PRO D 12 1.87 -16.60 24.61
C PRO D 12 2.39 -18.03 24.63
N PHE D 13 3.49 -18.23 23.92
CA PHE D 13 4.22 -19.50 23.91
C PHE D 13 5.38 -19.39 24.91
N ASN D 14 5.34 -20.20 25.96
CA ASN D 14 6.43 -20.27 26.94
C ASN D 14 7.20 -21.56 26.68
N VAL D 15 8.40 -21.43 26.12
CA VAL D 15 9.14 -22.58 25.61
C VAL D 15 10.51 -22.63 26.27
N PRO D 16 10.98 -23.79 26.71
CA PRO D 16 12.32 -23.88 27.29
C PRO D 16 13.40 -23.80 26.21
N GLU D 17 14.50 -23.16 26.56
CA GLU D 17 15.63 -23.00 25.65
C GLU D 17 16.09 -24.36 25.12
N GLY D 18 16.27 -24.43 23.79
CA GLY D 18 16.67 -25.65 23.12
C GLY D 18 15.52 -26.45 22.53
N ALA D 19 14.28 -26.13 22.89
CA ALA D 19 13.13 -26.86 22.35
C ALA D 19 12.75 -26.31 20.98
N THR D 20 12.04 -27.14 20.22
CA THR D 20 11.50 -26.76 18.92
C THR D 20 10.08 -26.23 19.11
N VAL D 21 9.77 -25.14 18.41
CA VAL D 21 8.48 -24.46 18.53
C VAL D 21 7.84 -24.36 17.16
N ALA D 22 6.53 -24.61 17.10
CA ALA D 22 5.77 -24.57 15.86
C ALA D 22 4.73 -23.47 15.94
N PHE D 23 4.77 -22.54 14.99
CA PHE D 23 3.75 -21.51 14.84
C PHE D 23 2.81 -21.90 13.72
N ASN D 24 1.52 -21.60 13.89
CA ASN D 24 0.53 -21.90 12.87
C ASN D 24 -0.28 -20.65 12.55
N CYS D 25 -0.68 -20.56 11.28
CA CYS D 25 -1.42 -19.41 10.77
C CYS D 25 -2.32 -19.90 9.64
N THR D 26 -3.55 -19.38 9.61
CA THR D 26 -4.48 -19.69 8.54
C THR D 26 -4.97 -18.40 7.89
N TYR D 27 -5.24 -18.49 6.58
CA TYR D 27 -5.75 -17.38 5.80
C TYR D 27 -7.01 -17.82 5.07
N SER D 28 -7.92 -16.88 4.85
CA SER D 28 -9.23 -17.19 4.27
C SER D 28 -9.29 -17.00 2.76
N ASN D 29 -8.53 -16.06 2.20
CA ASN D 29 -8.61 -15.77 0.78
C ASN D 29 -7.76 -16.79 0.01
N SER D 30 -8.42 -17.70 -0.72
CA SER D 30 -7.72 -18.74 -1.46
C SER D 30 -6.84 -18.18 -2.57
N ALA D 31 -7.08 -16.95 -3.01
CA ALA D 31 -6.29 -16.33 -4.07
C ALA D 31 -4.98 -15.72 -3.56
N SER D 32 -4.74 -15.77 -2.25
CA SER D 32 -3.50 -15.23 -1.69
C SER D 32 -2.29 -15.81 -2.41
N GLN D 33 -1.36 -14.93 -2.80
CA GLN D 33 -0.24 -15.31 -3.65
C GLN D 33 1.06 -15.54 -2.90
N SER D 34 1.42 -14.67 -1.96
CA SER D 34 2.69 -14.76 -1.28
C SER D 34 2.50 -14.67 0.22
N PHE D 35 3.43 -15.29 0.96
CA PHE D 35 3.32 -15.45 2.40
C PHE D 35 4.68 -15.23 3.04
N PHE D 36 4.69 -14.57 4.20
CA PHE D 36 5.92 -14.19 4.86
C PHE D 36 5.76 -14.28 6.37
N TRP D 37 6.88 -14.49 7.06
CA TRP D 37 6.94 -14.40 8.51
C TRP D 37 7.79 -13.19 8.89
N TYR D 38 7.29 -12.37 9.80
CA TYR D 38 8.04 -11.25 10.36
C TYR D 38 8.22 -11.47 11.85
N ARG D 39 9.29 -10.88 12.38
CA ARG D 39 9.61 -10.92 13.79
C ARG D 39 9.62 -9.50 14.35
N GLN D 40 9.06 -9.32 15.55
CA GLN D 40 8.89 -7.99 16.11
C GLN D 40 9.17 -8.02 17.61
N ASP D 41 10.13 -7.21 18.05
CA ASP D 41 10.40 -7.04 19.46
C ASP D 41 9.39 -6.09 20.10
N CYS D 42 9.28 -6.17 21.42
CA CYS D 42 8.33 -5.34 22.15
C CYS D 42 8.62 -3.87 21.94
N ARG D 43 7.58 -3.12 21.57
CA ARG D 43 7.64 -1.67 21.32
C ARG D 43 8.55 -1.32 20.16
N LYS D 44 8.90 -2.28 19.31
CA LYS D 44 9.81 -2.05 18.20
C LYS D 44 9.09 -2.34 16.88
N GLU D 45 9.86 -2.39 15.79
CA GLU D 45 9.33 -2.53 14.45
C GLU D 45 9.51 -3.94 13.92
N PRO D 46 8.65 -4.39 13.01
CA PRO D 46 8.78 -5.74 12.46
C PRO D 46 9.96 -5.83 11.50
N LYS D 47 10.57 -7.01 11.46
CA LYS D 47 11.67 -7.31 10.56
C LYS D 47 11.36 -8.59 9.80
N LEU D 48 11.61 -8.57 8.50
CA LEU D 48 11.34 -9.74 7.66
C LEU D 48 12.20 -10.91 8.09
N LEU D 49 11.56 -12.07 8.28
CA LEU D 49 12.26 -13.29 8.67
C LEU D 49 12.49 -14.21 7.48
N MET D 50 11.43 -14.61 6.78
CA MET D 50 11.59 -15.46 5.61
C MET D 50 10.30 -15.45 4.79
N SER D 51 10.42 -15.84 3.53
CA SER D 51 9.28 -16.12 2.69
C SER D 51 8.84 -17.58 2.90
N VAL D 52 7.58 -17.85 2.54
CA VAL D 52 6.97 -19.16 2.73
C VAL D 52 6.72 -19.78 1.37
N TYR D 53 7.19 -21.03 1.19
CA TYR D 53 7.04 -21.76 -0.06
C TYR D 53 6.40 -23.11 0.20
N SER D 54 5.72 -23.64 -0.82
CA SER D 54 5.06 -24.93 -0.68
C SER D 54 6.06 -26.05 -0.37
N SER D 55 7.23 -26.01 -1.02
CA SER D 55 8.25 -27.02 -0.77
C SER D 55 8.81 -26.96 0.64
N GLY D 56 8.70 -25.81 1.30
CA GLY D 56 9.23 -25.65 2.63
C GLY D 56 10.58 -24.95 2.64
N ASN D 57 10.55 -23.63 2.79
CA ASN D 57 11.79 -22.85 2.83
C ASN D 57 12.55 -23.15 4.11
N GLU D 58 13.77 -23.65 3.99
CA GLU D 58 14.64 -23.92 5.12
C GLU D 58 15.82 -22.96 5.12
N ASP D 59 16.11 -22.41 6.30
CA ASP D 59 17.21 -21.45 6.46
C ASP D 59 17.71 -21.58 7.89
N GLY D 60 18.75 -22.40 8.08
CA GLY D 60 19.32 -22.61 9.39
C GLY D 60 18.39 -23.33 10.34
N ARG D 61 18.06 -22.69 11.46
CA ARG D 61 17.15 -23.27 12.44
C ARG D 61 15.68 -23.04 12.09
N PHE D 62 15.38 -22.39 10.97
CA PHE D 62 14.02 -21.98 10.65
C PHE D 62 13.51 -22.73 9.44
N THR D 63 12.22 -23.09 9.49
CA THR D 63 11.53 -23.72 8.37
C THR D 63 10.13 -23.13 8.26
N ALA D 64 9.77 -22.68 7.07
CA ALA D 64 8.46 -22.12 6.79
C ALA D 64 7.80 -22.92 5.67
N GLN D 65 6.57 -23.33 5.89
CA GLN D 65 5.87 -24.21 4.94
C GLN D 65 4.46 -23.70 4.68
N LEU D 66 3.99 -23.95 3.47
CA LEU D 66 2.66 -23.54 3.03
C LEU D 66 1.88 -24.76 2.56
N ASN D 67 0.59 -24.81 2.91
CA ASN D 67 -0.33 -25.85 2.44
C ASN D 67 -1.56 -25.13 1.90
N ARG D 68 -1.67 -25.06 0.57
CA ARG D 68 -2.78 -24.33 -0.05
C ARG D 68 -4.09 -25.10 0.08
N ALA D 69 -4.03 -26.43 0.17
CA ALA D 69 -5.27 -27.21 0.29
C ALA D 69 -6.00 -26.89 1.58
N SER D 70 -5.28 -26.78 2.68
CA SER D 70 -5.87 -26.40 3.96
C SER D 70 -5.74 -24.92 4.26
N GLN D 71 -4.99 -24.18 3.45
CA GLN D 71 -4.71 -22.77 3.67
C GLN D 71 -4.08 -22.55 5.04
N TYR D 72 -3.01 -23.30 5.30
CA TYR D 72 -2.24 -23.22 6.53
C TYR D 72 -0.84 -22.69 6.24
N ILE D 73 -0.32 -21.87 7.15
CA ILE D 73 1.05 -21.40 7.12
C ILE D 73 1.70 -21.77 8.43
N SER D 74 2.92 -22.31 8.37
CA SER D 74 3.62 -22.75 9.56
C SER D 74 5.05 -22.19 9.58
N LEU D 75 5.56 -21.97 10.79
CA LEU D 75 6.95 -21.63 11.01
C LEU D 75 7.52 -22.54 12.08
N LEU D 76 8.66 -23.16 11.79
CA LEU D 76 9.34 -24.03 12.73
C LEU D 76 10.67 -23.40 13.13
N ILE D 77 10.94 -23.35 14.43
CA ILE D 77 12.21 -22.89 14.95
C ILE D 77 12.80 -24.02 15.77
N ARG D 78 13.88 -24.61 15.26
CA ARG D 78 14.61 -25.64 15.99
C ARG D 78 15.65 -25.03 16.90
N ASP D 79 15.94 -25.72 18.00
CA ASP D 79 16.99 -25.33 18.95
C ASP D 79 16.85 -23.87 19.36
N SER D 80 15.69 -23.55 19.95
CA SER D 80 15.37 -22.17 20.25
C SER D 80 16.36 -21.57 21.25
N LYS D 81 16.69 -20.30 21.06
CA LYS D 81 17.58 -19.55 21.94
C LYS D 81 16.80 -18.42 22.60
N LEU D 82 17.43 -17.83 23.63
CA LEU D 82 16.82 -16.69 24.32
C LEU D 82 16.59 -15.54 23.36
N SER D 83 17.48 -15.33 22.40
CA SER D 83 17.35 -14.25 21.45
C SER D 83 16.19 -14.44 20.48
N ASP D 84 15.57 -15.62 20.46
CA ASP D 84 14.39 -15.85 19.62
C ASP D 84 13.12 -15.24 20.22
N SER D 85 13.15 -14.88 21.51
CA SER D 85 11.98 -14.30 22.17
C SER D 85 11.53 -13.04 21.43
N ALA D 86 10.31 -13.08 20.90
CA ALA D 86 9.73 -11.97 20.14
C ALA D 86 8.29 -12.34 19.82
N THR D 87 7.62 -11.45 19.09
CA THR D 87 6.30 -11.72 18.54
C THR D 87 6.47 -12.02 17.05
N TYR D 88 5.87 -13.12 16.60
CA TYR D 88 6.05 -13.60 15.24
C TYR D 88 4.76 -13.35 14.46
N LEU D 89 4.87 -12.55 13.40
CA LEU D 89 3.72 -12.10 12.63
C LEU D 89 3.62 -12.88 11.33
N CYS D 90 2.44 -13.44 11.08
CA CYS D 90 2.11 -14.08 9.81
C CYS D 90 1.57 -13.01 8.87
N VAL D 91 2.18 -12.91 7.67
CA VAL D 91 1.88 -11.84 6.73
C VAL D 91 1.48 -12.46 5.39
N VAL D 92 0.33 -12.05 4.86
CA VAL D 92 -0.27 -12.67 3.69
C VAL D 92 -0.52 -11.60 2.63
N MET D 93 -0.04 -11.84 1.42
CA MET D 93 -0.15 -10.89 0.32
C MET D 93 -1.18 -11.39 -0.69
N GLY D 94 -2.25 -10.61 -0.87
CA GLY D 94 -3.21 -10.85 -1.93
C GLY D 94 -3.20 -9.70 -2.92
N PHE D 95 -4.15 -9.68 -3.86
CA PHE D 95 -4.19 -8.59 -4.82
C PHE D 95 -4.49 -7.27 -4.12
N GLN D 96 -3.53 -6.34 -4.15
CA GLN D 96 -3.68 -5.02 -3.55
C GLN D 96 -4.05 -5.10 -2.06
N LYS D 97 -3.53 -6.11 -1.36
CA LYS D 97 -3.77 -6.24 0.07
C LYS D 97 -2.61 -7.01 0.71
N LEU D 98 -2.03 -6.41 1.74
CA LEU D 98 -0.98 -7.04 2.55
C LEU D 98 -1.45 -7.00 4.00
N VAL D 99 -1.77 -8.17 4.56
CA VAL D 99 -2.40 -8.27 5.87
C VAL D 99 -1.39 -8.78 6.87
N PHE D 100 -1.21 -8.03 7.96
CA PHE D 100 -0.37 -8.43 9.08
C PHE D 100 -1.25 -9.08 10.15
N GLY D 101 -0.94 -10.32 10.51
CA GLY D 101 -1.59 -10.93 11.64
C GLY D 101 -1.22 -10.24 12.94
N THR D 102 -2.02 -10.52 13.98
CA THR D 102 -1.74 -9.91 15.28
C THR D 102 -0.59 -10.59 16.01
N GLY D 103 -0.10 -11.72 15.51
CA GLY D 103 1.13 -12.30 15.99
C GLY D 103 0.94 -13.31 17.10
N THR D 104 2.01 -14.07 17.35
CA THR D 104 2.09 -15.02 18.46
C THR D 104 3.36 -14.69 19.24
N ARG D 105 3.19 -14.35 20.51
CA ARG D 105 4.33 -13.97 21.34
C ARG D 105 5.08 -15.22 21.81
N LEU D 106 6.40 -15.22 21.62
CA LEU D 106 7.26 -16.32 22.04
C LEU D 106 8.17 -15.87 23.16
N LEU D 107 8.19 -16.62 24.26
CA LEU D 107 9.04 -16.35 25.42
C LEU D 107 9.91 -17.57 25.67
N VAL D 108 11.21 -17.44 25.37
CA VAL D 108 12.15 -18.54 25.56
C VAL D 108 12.81 -18.39 26.92
N SER D 109 12.67 -19.41 27.76
CA SER D 109 13.09 -19.55 29.15
C SER D 109 14.42 -20.29 29.24
N PRO D 110 15.34 -19.83 30.10
CA PRO D 110 16.57 -20.59 30.32
C PRO D 110 16.33 -21.84 31.12
N ASN D 111 17.17 -22.84 30.88
CA ASN D 111 17.18 -24.06 31.69
C ASN D 111 18.06 -23.80 32.91
N ILE D 112 17.43 -23.63 34.07
CA ILE D 112 18.15 -23.37 35.31
C ILE D 112 18.51 -24.72 35.93
N GLN D 113 19.79 -25.08 35.87
CA GLN D 113 20.20 -26.40 36.30
C GLN D 113 20.14 -26.55 37.82
N ASN D 114 20.65 -25.56 38.55
CA ASN D 114 20.67 -25.57 40.02
C ASN D 114 19.90 -24.36 40.53
N PRO D 115 18.57 -24.45 40.61
CA PRO D 115 17.78 -23.31 41.09
C PRO D 115 18.13 -22.98 42.53
N ASP D 116 18.14 -21.67 42.84
CA ASP D 116 18.51 -21.17 44.16
C ASP D 116 17.59 -20.02 44.53
N PRO D 117 16.28 -20.28 44.63
CA PRO D 117 15.32 -19.18 44.78
C PRO D 117 15.53 -18.42 46.08
N ALA D 118 15.54 -17.08 45.98
CA ALA D 118 15.77 -16.24 47.14
C ALA D 118 15.16 -14.86 46.90
N VAL D 119 14.74 -14.22 47.99
CA VAL D 119 14.23 -12.86 47.97
C VAL D 119 15.17 -12.01 48.82
N TYR D 120 15.92 -11.12 48.18
CA TYR D 120 16.88 -10.25 48.85
C TYR D 120 16.34 -8.83 48.92
N GLN D 121 16.48 -8.20 50.09
CA GLN D 121 16.26 -6.76 50.19
C GLN D 121 17.53 -6.05 49.76
N LEU D 122 17.46 -5.34 48.65
CA LEU D 122 18.62 -4.59 48.19
C LEU D 122 18.87 -3.41 49.11
N ARG D 123 20.10 -2.89 49.06
CA ARG D 123 20.44 -1.71 49.83
C ARG D 123 19.59 -0.54 49.36
N ASP D 124 19.01 0.17 50.32
CA ASP D 124 18.24 1.36 49.99
C ASP D 124 19.11 2.36 49.24
N SER D 125 18.48 3.06 48.29
CA SER D 125 19.13 4.20 47.67
C SER D 125 18.96 5.42 48.56
N LYS D 126 20.03 6.21 48.67
CA LYS D 126 19.96 7.42 49.48
C LYS D 126 19.27 8.56 48.72
N SER D 127 18.92 8.34 47.46
CA SER D 127 18.21 9.32 46.65
C SER D 127 16.75 8.90 46.38
N SER D 128 16.17 8.09 47.26
CA SER D 128 14.86 7.51 46.96
C SER D 128 14.11 7.18 48.25
N ASP D 129 12.80 7.40 48.22
CA ASP D 129 11.91 7.00 49.31
C ASP D 129 11.46 5.54 49.19
N LYS D 130 11.98 4.80 48.22
CA LYS D 130 11.50 3.47 47.91
C LYS D 130 12.48 2.40 48.40
N SER D 131 11.94 1.22 48.66
CA SER D 131 12.72 0.04 49.02
C SER D 131 12.46 -1.05 48.00
N VAL D 132 13.50 -1.83 47.68
CA VAL D 132 13.45 -2.79 46.58
C VAL D 132 13.71 -4.19 47.12
N CYS D 133 12.87 -5.14 46.71
CA CYS D 133 13.07 -6.56 46.97
C CYS D 133 13.30 -7.29 45.66
N LEU D 134 14.30 -8.18 45.64
CA LEU D 134 14.69 -8.90 44.43
C LEU D 134 14.46 -10.40 44.63
N PHE D 135 13.48 -10.93 43.90
CA PHE D 135 13.24 -12.36 43.82
C PHE D 135 14.00 -12.90 42.61
N THR D 136 14.97 -13.79 42.84
CA THR D 136 15.88 -14.18 41.78
C THR D 136 16.32 -15.63 41.94
N ASP D 137 16.97 -16.13 40.89
CA ASP D 137 17.58 -17.46 40.84
C ASP D 137 16.55 -18.59 40.96
N PHE D 138 15.29 -18.32 40.65
CA PHE D 138 14.27 -19.36 40.68
C PHE D 138 14.19 -20.07 39.32
N ASP D 139 13.54 -21.23 39.34
CA ASP D 139 13.38 -22.02 38.13
C ASP D 139 12.38 -21.35 37.19
N SER D 140 12.54 -21.63 35.89
CA SER D 140 11.71 -21.01 34.86
C SER D 140 10.24 -21.40 34.96
N GLN D 141 9.91 -22.47 35.69
CA GLN D 141 8.52 -22.84 35.84
C GLN D 141 7.77 -21.95 36.83
N THR D 142 8.49 -21.18 37.64
CA THR D 142 7.86 -20.30 38.61
C THR D 142 7.20 -19.12 37.91
N ASN D 143 5.96 -18.82 38.29
CA ASN D 143 5.23 -17.69 37.75
C ASN D 143 5.13 -16.60 38.81
N VAL D 144 5.30 -15.35 38.40
CA VAL D 144 5.25 -14.21 39.30
C VAL D 144 3.92 -13.48 39.07
N SER D 145 3.13 -13.33 40.12
CA SER D 145 1.85 -12.65 40.03
C SER D 145 1.99 -11.17 40.40
N GLN D 146 0.97 -10.40 40.04
CA GLN D 146 0.97 -8.97 40.34
C GLN D 146 0.47 -8.73 41.76
N SER D 147 0.89 -7.60 42.33
CA SER D 147 0.60 -7.31 43.73
C SER D 147 -0.86 -6.92 43.92
N LYS D 148 -1.40 -7.29 45.08
CA LYS D 148 -2.76 -6.89 45.44
C LYS D 148 -2.79 -5.47 45.99
N ASP D 149 -1.83 -5.13 46.86
CA ASP D 149 -1.76 -3.79 47.42
C ASP D 149 -1.41 -2.79 46.32
N SER D 150 -2.21 -1.72 46.21
CA SER D 150 -2.01 -0.72 45.18
C SER D 150 -0.73 0.10 45.38
N ASP D 151 -0.08 -0.02 46.54
CA ASP D 151 1.15 0.71 46.83
C ASP D 151 2.40 -0.15 46.67
N VAL D 152 2.25 -1.37 46.15
CA VAL D 152 3.37 -2.27 45.90
C VAL D 152 3.40 -2.60 44.41
N TYR D 153 4.56 -2.45 43.79
CA TYR D 153 4.71 -2.63 42.35
C TYR D 153 5.65 -3.81 42.10
N ILE D 154 5.17 -4.79 41.33
CA ILE D 154 5.92 -5.99 41.02
C ILE D 154 6.07 -6.08 39.50
N THR D 155 7.31 -6.26 39.04
CA THR D 155 7.57 -6.41 37.62
C THR D 155 7.31 -7.84 37.17
N ASP D 156 7.34 -8.04 35.85
CA ASP D 156 7.31 -9.37 35.29
C ASP D 156 8.70 -10.01 35.39
N LYS D 157 8.75 -11.31 35.17
CA LYS D 157 10.01 -12.03 35.22
C LYS D 157 10.89 -11.64 34.03
N CYS D 158 12.17 -11.44 34.31
CA CYS D 158 13.15 -11.03 33.32
C CYS D 158 14.31 -12.02 33.33
N VAL D 159 14.91 -12.24 32.15
CA VAL D 159 16.00 -13.19 31.99
C VAL D 159 17.26 -12.41 31.63
N LEU D 160 18.28 -12.47 32.48
CA LEU D 160 19.57 -11.89 32.18
C LEU D 160 20.58 -13.00 31.89
N ASP D 161 21.58 -12.67 31.08
CA ASP D 161 22.57 -13.63 30.60
C ASP D 161 23.96 -13.06 30.84
N MET D 162 24.68 -13.65 31.80
CA MET D 162 26.07 -13.28 32.06
C MET D 162 26.94 -14.10 31.12
N ARG D 163 27.28 -13.51 29.97
CA ARG D 163 27.91 -14.26 28.89
C ARG D 163 29.34 -14.69 29.24
N SER D 164 30.08 -13.86 29.99
CA SER D 164 31.46 -14.20 30.31
C SER D 164 31.53 -15.39 31.27
N MET D 165 30.53 -15.56 32.12
CA MET D 165 30.46 -16.69 33.05
C MET D 165 29.52 -17.79 32.58
N ASP D 166 28.84 -17.59 31.44
CA ASP D 166 27.87 -18.55 30.91
C ASP D 166 26.84 -18.92 31.98
N PHE D 167 26.20 -17.90 32.54
CA PHE D 167 25.26 -18.06 33.63
C PHE D 167 24.01 -17.26 33.32
N LYS D 168 22.85 -17.91 33.41
CA LYS D 168 21.56 -17.28 33.20
C LYS D 168 20.74 -17.35 34.48
N SER D 169 19.88 -16.36 34.69
CA SER D 169 19.06 -16.34 35.88
C SER D 169 17.80 -15.53 35.63
N ASN D 170 16.70 -15.95 36.24
CA ASN D 170 15.45 -15.21 36.25
C ASN D 170 15.41 -14.29 37.47
N SER D 171 14.58 -13.25 37.38
CA SER D 171 14.41 -12.35 38.50
C SER D 171 13.13 -11.55 38.31
N ALA D 172 12.58 -11.08 39.43
CA ALA D 172 11.46 -10.16 39.45
C ALA D 172 11.68 -9.16 40.58
N VAL D 173 11.25 -7.92 40.37
CA VAL D 173 11.51 -6.83 41.29
C VAL D 173 10.20 -6.35 41.90
N ALA D 174 10.20 -6.14 43.21
CA ALA D 174 9.08 -5.54 43.93
C ALA D 174 9.58 -4.32 44.69
N TRP D 175 8.77 -3.26 44.71
CA TRP D 175 9.18 -2.05 45.41
C TRP D 175 7.95 -1.29 45.89
N SER D 176 8.19 -0.41 46.86
CA SER D 176 7.16 0.40 47.50
C SER D 176 7.83 1.47 48.34
N ASN D 177 7.12 2.57 48.56
CA ASN D 177 7.57 3.60 49.48
C ASN D 177 6.81 3.56 50.81
N LYS D 178 5.99 2.54 51.04
CA LYS D 178 5.27 2.41 52.29
C LYS D 178 6.24 2.07 53.42
N SER D 179 5.98 2.63 54.60
CA SER D 179 6.87 2.42 55.74
C SER D 179 6.83 0.98 56.25
N ASP D 180 5.76 0.24 55.99
CA ASP D 180 5.63 -1.14 56.44
C ASP D 180 6.04 -2.14 55.37
N PHE D 181 6.71 -1.70 54.31
CA PHE D 181 7.09 -2.60 53.23
C PHE D 181 8.23 -3.52 53.67
N ALA D 182 8.11 -4.80 53.32
CA ALA D 182 9.14 -5.78 53.66
C ALA D 182 9.09 -6.92 52.66
N CYS D 183 10.26 -7.51 52.42
CA CYS D 183 10.38 -8.56 51.41
C CYS D 183 9.71 -9.86 51.83
N ALA D 184 9.50 -10.07 53.13
CA ALA D 184 8.95 -11.34 53.60
C ALA D 184 7.58 -11.61 53.02
N ASN D 185 6.81 -10.56 52.71
CA ASN D 185 5.46 -10.74 52.17
C ASN D 185 5.25 -10.00 50.86
N ALA D 186 6.32 -9.50 50.22
CA ALA D 186 6.16 -8.72 49.00
C ALA D 186 5.54 -9.55 47.88
N PHE D 187 5.91 -10.82 47.77
CA PHE D 187 5.41 -11.71 46.74
C PHE D 187 4.37 -12.68 47.28
N ASN D 188 3.54 -12.23 48.22
CA ASN D 188 2.56 -13.12 48.84
C ASN D 188 1.48 -13.57 47.84
N ASN D 189 1.19 -12.76 46.84
CA ASN D 189 0.20 -13.13 45.84
C ASN D 189 0.75 -14.08 44.78
N SER D 190 2.01 -14.48 44.89
CA SER D 190 2.63 -15.40 43.95
C SER D 190 2.86 -16.75 44.63
N ILE D 191 2.72 -17.82 43.86
CA ILE D 191 3.07 -19.16 44.33
C ILE D 191 4.58 -19.32 44.10
N ILE D 192 5.35 -19.17 45.16
CA ILE D 192 6.81 -19.26 45.07
C ILE D 192 7.26 -20.54 45.77
N PRO D 193 8.42 -21.09 45.40
CA PRO D 193 8.86 -22.35 46.04
C PRO D 193 8.98 -22.21 47.55
N GLU D 194 8.58 -23.27 48.25
CA GLU D 194 8.58 -23.26 49.70
C GLU D 194 9.99 -23.22 50.29
N ASP D 195 11.02 -23.56 49.49
CA ASP D 195 12.40 -23.49 49.94
C ASP D 195 13.06 -22.15 49.59
N THR D 196 12.27 -21.13 49.24
CA THR D 196 12.84 -19.83 48.90
C THR D 196 13.58 -19.24 50.09
N PHE D 197 14.81 -18.81 49.85
CA PHE D 197 15.66 -18.22 50.88
C PHE D 197 15.22 -16.78 51.15
N PHE D 198 14.89 -16.47 52.41
CA PHE D 198 14.43 -15.15 52.82
C PHE D 198 15.39 -14.58 53.87
N PRO D 199 16.62 -14.23 53.48
CA PRO D 199 17.58 -13.74 54.46
C PRO D 199 17.13 -12.43 55.10
N SER D 200 17.50 -12.27 56.37
CA SER D 200 17.16 -11.05 57.08
C SER D 200 17.86 -9.86 56.44
N PRO D 201 17.19 -8.70 56.33
CA PRO D 201 17.75 -7.50 55.68
C PRO D 201 19.01 -6.98 56.37
N GLY E 2 19.70 2.76 5.35
CA GLY E 2 18.64 2.40 6.27
C GLY E 2 17.47 3.37 6.25
N VAL E 3 16.35 2.95 6.83
CA VAL E 3 15.15 3.79 6.87
C VAL E 3 15.26 4.76 8.04
N THR E 4 15.07 6.04 7.77
CA THR E 4 15.16 7.10 8.77
C THR E 4 13.79 7.72 9.00
N GLN E 5 13.37 7.79 10.26
CA GLN E 5 12.07 8.33 10.64
C GLN E 5 12.29 9.47 11.64
N THR E 6 11.65 10.61 11.39
CA THR E 6 11.72 11.77 12.27
C THR E 6 10.34 12.39 12.40
N PRO E 7 9.99 12.89 13.59
CA PRO E 7 10.82 12.76 14.79
C PRO E 7 10.56 11.44 15.51
N ARG E 8 11.48 11.03 16.36
CA ARG E 8 11.38 9.72 16.99
C ARG E 8 10.35 9.70 18.12
N TYR E 9 10.20 10.81 18.84
CA TYR E 9 9.24 10.91 19.94
C TYR E 9 8.52 12.25 19.83
N LEU E 10 7.24 12.25 20.18
CA LEU E 10 6.42 13.45 20.04
C LEU E 10 5.38 13.53 21.16
N ILE E 11 5.16 14.73 21.65
CA ILE E 11 4.03 15.04 22.54
C ILE E 11 3.20 16.14 21.88
N LYS E 12 1.91 15.87 21.71
CA LYS E 12 0.98 16.83 21.14
C LYS E 12 -0.25 16.93 22.03
N THR E 13 -0.93 18.07 21.96
CA THR E 13 -2.19 18.26 22.67
C THR E 13 -3.36 18.06 21.71
N ARG E 14 -4.53 17.77 22.27
CA ARG E 14 -5.70 17.50 21.46
C ARG E 14 -6.02 18.69 20.55
N GLY E 15 -6.43 18.39 19.32
CA GLY E 15 -6.78 19.41 18.36
C GLY E 15 -5.63 19.90 17.52
N GLN E 16 -4.39 19.56 17.88
CA GLN E 16 -3.24 19.99 17.12
C GLN E 16 -3.07 19.14 15.87
N GLN E 17 -2.10 19.53 15.04
CA GLN E 17 -1.73 18.79 13.85
C GLN E 17 -0.29 18.32 13.98
N VAL E 18 0.04 17.23 13.30
CA VAL E 18 1.38 16.65 13.37
C VAL E 18 1.78 16.19 11.97
N THR E 19 3.08 16.33 11.67
CA THR E 19 3.65 15.85 10.41
C THR E 19 4.86 14.98 10.72
N LEU E 20 4.86 13.77 10.19
CA LEU E 20 5.96 12.83 10.34
C LEU E 20 6.65 12.62 9.00
N SER E 21 7.95 12.35 9.03
CA SER E 21 8.75 12.21 7.84
C SER E 21 9.47 10.86 7.84
N CYS E 22 9.75 10.36 6.63
CA CYS E 22 10.36 9.05 6.47
C CYS E 22 11.21 9.06 5.20
N SER E 23 12.51 8.76 5.36
CA SER E 23 13.41 8.64 4.22
C SER E 23 13.72 7.18 3.97
N PRO E 24 13.41 6.66 2.78
CA PRO E 24 13.59 5.22 2.53
C PRO E 24 15.05 4.85 2.35
N ILE E 25 15.28 3.54 2.25
CA ILE E 25 16.60 3.02 1.92
C ILE E 25 17.01 3.51 0.54
N SER E 26 18.30 3.81 0.37
CA SER E 26 18.84 4.25 -0.92
C SER E 26 18.48 3.26 -2.02
N GLY E 27 17.81 3.77 -3.06
CA GLY E 27 17.33 2.97 -4.16
C GLY E 27 15.87 2.59 -4.06
N HIS E 28 15.34 2.47 -2.84
CA HIS E 28 13.95 2.08 -2.64
C HIS E 28 13.02 3.20 -3.07
N ARG E 29 11.95 2.85 -3.79
CA ARG E 29 11.04 3.84 -4.36
C ARG E 29 9.62 3.73 -3.80
N SER E 30 9.32 2.73 -2.98
CA SER E 30 8.01 2.59 -2.34
C SER E 30 8.12 2.84 -0.85
N VAL E 31 7.20 3.66 -0.32
CA VAL E 31 7.13 3.94 1.11
C VAL E 31 5.69 3.70 1.57
N SER E 32 5.53 2.93 2.64
CA SER E 32 4.22 2.64 3.22
C SER E 32 4.21 3.09 4.67
N TRP E 33 3.03 3.53 5.12
CA TRP E 33 2.84 3.99 6.49
C TRP E 33 1.91 3.06 7.24
N TYR E 34 2.26 2.75 8.49
CA TYR E 34 1.48 1.87 9.35
C TYR E 34 1.33 2.50 10.73
N GLN E 35 0.21 2.22 11.37
CA GLN E 35 -0.05 2.64 12.74
C GLN E 35 -0.06 1.43 13.66
N GLN E 36 0.71 1.53 14.75
CA GLN E 36 0.78 0.47 15.77
C GLN E 36 0.26 1.07 17.08
N THR E 37 -1.01 0.84 17.36
CA THR E 37 -1.70 1.24 18.58
C THR E 37 -1.57 0.14 19.63
N PRO E 38 -1.35 0.51 20.91
CA PRO E 38 -1.27 -0.50 21.97
C PRO E 38 -2.40 -1.53 21.94
N GLY E 39 -2.04 -2.80 21.76
CA GLY E 39 -3.01 -3.89 21.77
C GLY E 39 -3.90 -3.98 20.56
N GLN E 40 -3.35 -3.78 19.36
CA GLN E 40 -4.17 -3.72 18.16
C GLN E 40 -3.61 -4.50 16.99
N GLY E 41 -2.32 -4.36 16.72
CA GLY E 41 -1.74 -4.89 15.51
C GLY E 41 -1.63 -3.82 14.43
N LEU E 42 -0.72 -4.07 13.48
CA LEU E 42 -0.43 -3.08 12.45
C LEU E 42 -1.65 -2.78 11.60
N GLN E 43 -1.91 -1.49 11.39
CA GLN E 43 -3.00 -1.01 10.54
C GLN E 43 -2.42 -0.22 9.39
N PHE E 44 -2.84 -0.56 8.18
CA PHE E 44 -2.30 0.04 6.97
C PHE E 44 -2.89 1.43 6.74
N LEU E 45 -2.03 2.42 6.51
CA LEU E 45 -2.50 3.76 6.19
C LEU E 45 -2.53 3.97 4.69
N PHE E 46 -1.36 3.97 4.05
CA PHE E 46 -1.26 4.13 2.61
C PHE E 46 0.14 3.78 2.15
N GLU E 47 0.27 3.49 0.86
CA GLU E 47 1.55 3.26 0.20
C GLU E 47 1.74 4.27 -0.92
N TYR E 48 2.98 4.73 -1.11
CA TYR E 48 3.30 5.70 -2.14
C TYR E 48 4.42 5.17 -3.02
N PHE E 49 4.28 5.40 -4.33
CA PHE E 49 5.29 4.99 -5.31
C PHE E 49 5.31 6.03 -6.42
N SER E 50 6.48 6.66 -6.63
CA SER E 50 6.65 7.70 -7.64
C SER E 50 5.66 8.84 -7.44
N GLU E 51 5.60 9.35 -6.21
CA GLU E 51 4.90 10.55 -5.78
C GLU E 51 3.38 10.42 -5.75
N THR E 52 2.81 9.29 -6.16
CA THR E 52 1.36 9.13 -6.20
C THR E 52 0.94 8.06 -5.20
N GLN E 53 -0.16 8.33 -4.49
CA GLN E 53 -0.72 7.34 -3.58
C GLN E 53 -1.18 6.13 -4.38
N ARG E 54 -0.75 4.95 -3.93
CA ARG E 54 -0.97 3.71 -4.65
C ARG E 54 -2.13 2.90 -4.10
N ASN E 55 -2.19 2.75 -2.78
CA ASN E 55 -3.31 2.11 -2.11
C ASN E 55 -3.49 2.77 -0.76
N LYS E 56 -4.68 2.60 -0.18
CA LYS E 56 -5.05 3.31 1.03
C LYS E 56 -5.84 2.39 1.95
N GLY E 57 -5.67 2.59 3.25
CA GLY E 57 -6.38 1.83 4.26
C GLY E 57 -7.74 2.42 4.60
N ASN E 58 -8.15 2.23 5.85
CA ASN E 58 -9.49 2.60 6.31
C ASN E 58 -9.48 3.80 7.25
N PHE E 59 -8.41 4.58 7.26
CA PHE E 59 -8.35 5.71 8.16
C PHE E 59 -9.15 6.89 7.63
N PRO E 60 -9.68 7.75 8.52
CA PRO E 60 -10.47 8.90 8.05
C PRO E 60 -9.64 9.93 7.29
N GLY E 61 -10.30 10.96 6.77
CA GLY E 61 -9.66 11.94 5.92
C GLY E 61 -8.60 12.78 6.59
N ARG E 62 -8.70 12.97 7.91
CA ARG E 62 -7.69 13.77 8.61
C ARG E 62 -6.32 13.12 8.60
N PHE E 63 -6.23 11.85 8.22
CA PHE E 63 -4.95 11.18 7.98
C PHE E 63 -4.63 11.31 6.49
N SER E 64 -3.54 12.03 6.18
CA SER E 64 -3.15 12.24 4.80
C SER E 64 -1.64 12.04 4.67
N GLY E 65 -1.20 11.81 3.44
CA GLY E 65 0.21 11.58 3.17
C GLY E 65 0.62 12.10 1.81
N ARG E 66 1.93 12.04 1.56
CA ARG E 66 2.51 12.49 0.31
C ARG E 66 3.92 11.93 0.18
N GLN E 67 4.38 11.79 -1.06
CA GLN E 67 5.74 11.35 -1.37
C GLN E 67 6.36 12.32 -2.36
N PHE E 68 7.59 12.74 -2.07
CA PHE E 68 8.29 13.72 -2.89
C PHE E 68 9.10 13.03 -3.99
N SER E 69 9.80 13.85 -4.79
CA SER E 69 10.54 13.35 -5.93
C SER E 69 11.79 12.58 -5.53
N ASN E 70 12.28 12.76 -4.31
CA ASN E 70 13.41 12.01 -3.79
C ASN E 70 12.99 10.72 -3.09
N SER E 71 11.74 10.29 -3.25
CA SER E 71 11.10 9.15 -2.58
C SER E 71 10.82 9.37 -1.11
N ARG E 72 11.25 10.47 -0.52
CA ARG E 72 10.89 10.74 0.88
C ARG E 72 9.38 10.93 0.99
N SER E 73 8.84 10.55 2.13
CA SER E 73 7.40 10.58 2.34
C SER E 73 7.07 11.27 3.66
N GLU E 74 5.91 11.91 3.69
CA GLU E 74 5.40 12.57 4.87
C GLU E 74 3.95 12.16 5.08
N MET E 75 3.54 12.01 6.34
CA MET E 75 2.15 11.81 6.68
C MET E 75 1.72 12.85 7.71
N ASN E 76 0.45 13.21 7.68
CA ASN E 76 -0.08 14.30 8.51
C ASN E 76 -1.41 13.87 9.10
N VAL E 77 -1.63 14.24 10.37
CA VAL E 77 -2.92 14.07 11.03
C VAL E 77 -3.40 15.45 11.48
N SER E 78 -4.63 15.79 11.10
CA SER E 78 -5.09 17.18 11.15
C SER E 78 -5.48 17.61 12.56
N THR E 79 -6.47 16.95 13.15
CA THR E 79 -7.01 17.34 14.46
C THR E 79 -6.88 16.13 15.37
N LEU E 80 -5.77 16.09 16.13
CA LEU E 80 -5.42 14.91 16.90
C LEU E 80 -6.40 14.67 18.05
N GLU E 81 -6.68 13.40 18.29
CA GLU E 81 -7.46 12.97 19.45
C GLU E 81 -6.57 12.14 20.36
N LEU E 82 -7.01 11.98 21.61
CA LEU E 82 -6.25 11.18 22.57
C LEU E 82 -6.06 9.75 22.07
N GLY E 83 -7.04 9.22 21.35
CA GLY E 83 -6.97 7.87 20.82
C GLY E 83 -6.05 7.68 19.64
N ASP E 84 -5.44 8.76 19.14
CA ASP E 84 -4.47 8.65 18.05
C ASP E 84 -3.07 8.32 18.54
N SER E 85 -2.85 8.29 19.85
CA SER E 85 -1.53 7.96 20.38
C SER E 85 -1.13 6.55 19.95
N ALA E 86 0.02 6.45 19.31
CA ALA E 86 0.45 5.19 18.73
C ALA E 86 1.90 5.31 18.26
N LEU E 87 2.47 4.18 17.87
CA LEU E 87 3.74 4.14 17.16
C LEU E 87 3.45 4.12 15.67
N TYR E 88 3.90 5.14 14.97
CA TYR E 88 3.66 5.27 13.53
C TYR E 88 4.91 4.81 12.79
N LEU E 89 4.77 3.76 11.99
CA LEU E 89 5.89 3.10 11.33
C LEU E 89 5.82 3.32 9.83
N CYS E 90 6.97 3.56 9.22
CA CYS E 90 7.10 3.61 7.78
C CYS E 90 8.00 2.46 7.33
N ALA E 91 7.72 1.95 6.13
CA ALA E 91 8.45 0.83 5.58
C ALA E 91 8.72 1.11 4.11
N SER E 92 9.90 0.70 3.63
CA SER E 92 10.28 0.92 2.26
C SER E 92 10.64 -0.40 1.58
N SER E 93 10.54 -0.38 0.26
CA SER E 93 10.92 -1.52 -0.56
C SER E 93 11.38 -1.02 -1.92
N LEU E 94 12.10 -1.87 -2.63
CA LEU E 94 12.61 -1.50 -3.96
C LEU E 94 11.46 -1.24 -4.93
N ARG E 95 10.52 -2.18 -5.02
CA ARG E 95 9.42 -2.09 -5.95
C ARG E 95 8.10 -1.94 -5.20
N ALA E 96 7.07 -1.56 -5.94
CA ALA E 96 5.77 -1.28 -5.34
C ALA E 96 5.06 -2.57 -4.96
N GLU E 97 4.21 -2.47 -3.93
CA GLU E 97 3.33 -3.56 -3.50
C GLU E 97 4.13 -4.82 -3.16
N SER E 98 5.25 -4.64 -2.48
CA SER E 98 6.11 -5.75 -2.09
C SER E 98 5.66 -6.31 -0.74
N GLY E 99 5.78 -7.62 -0.60
CA GLY E 99 5.60 -8.25 0.69
C GLY E 99 6.84 -8.28 1.55
N GLU E 100 7.97 -7.81 1.01
CA GLU E 100 9.25 -7.77 1.73
C GLU E 100 9.53 -6.31 2.07
N LEU E 101 9.20 -5.91 3.30
CA LEU E 101 9.30 -4.53 3.73
C LEU E 101 10.43 -4.37 4.73
N PHE E 102 11.03 -3.18 4.73
CA PHE E 102 12.09 -2.81 5.66
C PHE E 102 11.61 -1.60 6.45
N PHE E 103 11.32 -1.81 7.73
CA PHE E 103 10.66 -0.81 8.55
C PHE E 103 11.67 0.13 9.20
N GLY E 104 11.27 1.39 9.35
CA GLY E 104 11.97 2.31 10.20
C GLY E 104 11.68 2.02 11.66
N GLU E 105 12.30 2.81 12.54
CA GLU E 105 12.15 2.59 13.97
C GLU E 105 10.88 3.21 14.54
N GLY E 106 10.19 4.04 13.78
CA GLY E 106 8.87 4.51 14.20
C GLY E 106 8.92 5.87 14.85
N SER E 107 7.81 6.61 14.71
CA SER E 107 7.59 7.86 15.42
C SER E 107 6.59 7.59 16.53
N ARG E 108 7.05 7.70 17.78
CA ARG E 108 6.20 7.44 18.94
C ARG E 108 5.46 8.72 19.30
N LEU E 109 4.16 8.75 19.03
CA LEU E 109 3.33 9.93 19.24
C LEU E 109 2.40 9.70 20.42
N THR E 110 2.44 10.61 21.39
CA THR E 110 1.51 10.64 22.50
C THR E 110 0.69 11.92 22.42
N VAL E 111 -0.62 11.79 22.28
CA VAL E 111 -1.54 12.93 22.24
C VAL E 111 -2.11 13.13 23.63
N LEU E 112 -2.03 14.35 24.14
CA LEU E 112 -2.32 14.62 25.54
C LEU E 112 -3.43 15.65 25.71
N GLU E 113 -4.03 15.60 26.90
CA GLU E 113 -4.99 16.61 27.33
C GLU E 113 -4.34 17.98 27.49
N ASP E 114 -3.14 17.98 28.07
CA ASP E 114 -2.64 19.12 28.81
C ASP E 114 -1.20 18.82 29.18
N LEU E 115 -0.30 19.77 28.96
CA LEU E 115 1.11 19.51 29.19
C LEU E 115 1.48 19.49 30.67
N ASN E 116 0.53 19.76 31.56
CA ASN E 116 0.81 19.71 33.00
C ASN E 116 0.91 18.29 33.52
N LYS E 117 0.58 17.29 32.70
CA LYS E 117 0.72 15.90 33.09
C LYS E 117 2.08 15.32 32.74
N VAL E 118 2.95 16.10 32.10
CA VAL E 118 4.25 15.63 31.65
C VAL E 118 5.25 15.73 32.81
N PHE E 119 5.90 14.61 33.13
CA PHE E 119 6.87 14.55 34.21
C PHE E 119 8.09 13.79 33.75
N PRO E 120 9.29 14.23 34.14
CA PRO E 120 10.49 13.45 33.88
C PRO E 120 10.62 12.33 34.92
N PRO E 121 11.40 11.30 34.64
CA PRO E 121 11.56 10.22 35.61
C PRO E 121 12.49 10.59 36.75
N GLU E 122 12.17 10.07 37.93
CA GLU E 122 13.13 10.04 39.03
C GLU E 122 13.85 8.70 38.98
N VAL E 123 15.18 8.74 39.05
CA VAL E 123 16.01 7.55 38.85
C VAL E 123 16.82 7.31 40.11
N ALA E 124 16.81 6.06 40.57
CA ALA E 124 17.59 5.64 41.74
C ALA E 124 18.19 4.27 41.48
N VAL E 125 19.41 4.08 41.95
CA VAL E 125 20.11 2.80 41.86
C VAL E 125 20.16 2.18 43.25
N PHE E 126 19.83 0.91 43.34
CA PHE E 126 19.84 0.16 44.59
C PHE E 126 20.96 -0.87 44.54
N GLU E 127 21.83 -0.86 45.53
CA GLU E 127 23.05 -1.65 45.51
C GLU E 127 22.81 -3.06 46.00
N PRO E 128 23.67 -4.02 45.63
CA PRO E 128 23.43 -5.42 45.98
C PRO E 128 23.43 -5.65 47.48
N SER E 129 22.61 -6.59 47.91
CA SER E 129 22.60 -7.01 49.31
C SER E 129 23.78 -7.91 49.60
N GLU E 130 24.30 -7.81 50.81
CA GLU E 130 25.41 -8.68 51.21
C GLU E 130 24.98 -10.14 51.26
N ALA E 131 23.69 -10.39 51.50
CA ALA E 131 23.19 -11.77 51.53
C ALA E 131 23.36 -12.43 50.17
N GLU E 132 23.03 -11.70 49.09
CA GLU E 132 23.20 -12.26 47.75
C GLU E 132 24.68 -12.50 47.44
N ILE E 133 25.53 -11.57 47.82
CA ILE E 133 26.97 -11.69 47.53
C ILE E 133 27.54 -12.94 48.19
N SER E 134 27.21 -13.14 49.47
CA SER E 134 27.75 -14.30 50.19
C SER E 134 27.09 -15.60 49.75
N HIS E 135 25.82 -15.55 49.34
CA HIS E 135 25.10 -16.77 48.98
C HIS E 135 25.44 -17.25 47.58
N THR E 136 25.71 -16.34 46.64
CA THR E 136 25.87 -16.70 45.24
C THR E 136 27.17 -16.26 44.61
N GLN E 137 28.00 -15.46 45.30
CA GLN E 137 29.20 -14.85 44.71
C GLN E 137 28.86 -14.01 43.49
N LYS E 138 27.64 -13.46 43.46
CA LYS E 138 27.20 -12.56 42.41
C LYS E 138 26.49 -11.37 43.04
N ALA E 139 26.40 -10.27 42.30
CA ALA E 139 25.89 -9.01 42.83
C ALA E 139 24.97 -8.37 41.80
N THR E 140 23.71 -8.16 42.19
CA THR E 140 22.70 -7.58 41.31
C THR E 140 22.44 -6.13 41.68
N LEU E 141 22.64 -5.23 40.72
CA LEU E 141 22.23 -3.84 40.84
C LEU E 141 20.84 -3.69 40.22
N VAL E 142 19.99 -2.88 40.86
CA VAL E 142 18.66 -2.59 40.35
C VAL E 142 18.52 -1.09 40.18
N CYS E 143 18.00 -0.67 39.03
CA CYS E 143 17.72 0.72 38.74
C CYS E 143 16.22 0.90 38.57
N LEU E 144 15.66 1.87 39.30
CA LEU E 144 14.25 2.21 39.20
C LEU E 144 14.08 3.59 38.60
N ALA E 145 13.30 3.67 37.53
CA ALA E 145 12.86 4.94 36.96
C ALA E 145 11.37 5.05 37.18
N THR E 146 10.94 6.07 37.93
CA THR E 146 9.56 6.17 38.39
C THR E 146 8.99 7.54 38.13
N GLY E 147 7.66 7.58 38.04
CA GLY E 147 6.92 8.84 38.00
C GLY E 147 7.02 9.62 36.71
N PHE E 148 7.36 8.99 35.60
CA PHE E 148 7.51 9.71 34.34
C PHE E 148 6.24 9.57 33.49
N PHE E 149 6.00 10.60 32.68
CA PHE E 149 4.88 10.65 31.74
C PHE E 149 5.21 11.64 30.63
N PRO E 150 5.07 11.24 29.35
CA PRO E 150 4.62 9.93 28.89
C PRO E 150 5.72 8.87 28.97
N ASP E 151 5.47 7.67 28.45
CA ASP E 151 6.44 6.59 28.56
C ASP E 151 7.50 6.68 27.48
N HIS E 152 8.07 7.87 27.28
CA HIS E 152 9.11 8.08 26.27
C HIS E 152 10.47 8.08 26.96
N VAL E 153 10.94 6.88 27.30
CA VAL E 153 12.20 6.70 28.01
C VAL E 153 13.00 5.58 27.36
N GLU E 154 14.33 5.71 27.44
CA GLU E 154 15.27 4.65 27.07
C GLU E 154 16.29 4.52 28.18
N LEU E 155 16.45 3.30 28.70
CA LEU E 155 17.33 3.02 29.82
C LEU E 155 18.55 2.25 29.35
N SER E 156 19.72 2.64 29.85
CA SER E 156 20.96 1.94 29.54
C SER E 156 21.86 1.91 30.77
N TRP E 157 22.73 0.92 30.82
CA TRP E 157 23.71 0.75 31.89
C TRP E 157 25.09 1.12 31.38
N TRP E 158 25.89 1.75 32.23
CA TRP E 158 27.24 2.17 31.87
C TRP E 158 28.21 1.75 32.96
N VAL E 159 29.24 1.00 32.58
CA VAL E 159 30.26 0.51 33.49
C VAL E 159 31.60 1.10 33.07
N ASN E 160 32.21 1.88 33.96
CA ASN E 160 33.49 2.55 33.68
C ASN E 160 33.41 3.38 32.39
N GLY E 161 32.28 4.04 32.18
CA GLY E 161 32.11 4.92 31.05
C GLY E 161 31.77 4.23 29.74
N LYS E 162 31.54 2.92 29.74
CA LYS E 162 31.21 2.17 28.54
C LYS E 162 29.89 1.45 28.73
N GLU E 163 29.04 1.50 27.69
CA GLU E 163 27.74 0.85 27.77
C GLU E 163 27.90 -0.66 27.75
N VAL E 164 27.14 -1.35 28.61
CA VAL E 164 27.19 -2.79 28.73
C VAL E 164 25.82 -3.36 28.43
N HIS E 165 25.80 -4.63 28.01
CA HIS E 165 24.55 -5.34 27.74
C HIS E 165 24.56 -6.70 28.43
N SER E 166 25.74 -7.27 28.62
CA SER E 166 25.86 -8.55 29.30
C SER E 166 25.46 -8.42 30.76
N GLY E 167 24.66 -9.37 31.23
CA GLY E 167 24.17 -9.35 32.60
C GLY E 167 23.09 -8.34 32.87
N VAL E 168 22.47 -7.78 31.84
CA VAL E 168 21.44 -6.75 31.98
C VAL E 168 20.11 -7.32 31.53
N CYS E 169 19.04 -6.99 32.27
CA CYS E 169 17.68 -7.24 31.82
C CYS E 169 16.83 -6.04 32.19
N THR E 170 16.17 -5.45 31.19
CA THR E 170 15.24 -4.36 31.39
C THR E 170 13.83 -4.85 31.12
N ASP E 171 12.87 -4.34 31.89
CA ASP E 171 11.47 -4.66 31.64
C ASP E 171 11.13 -4.30 30.19
N PRO E 172 10.40 -5.17 29.48
CA PRO E 172 10.07 -4.86 28.08
C PRO E 172 9.24 -3.59 27.90
N GLN E 173 8.42 -3.22 28.89
CA GLN E 173 7.59 -2.03 28.77
C GLN E 173 7.34 -1.47 30.15
N PRO E 174 7.06 -0.16 30.26
CA PRO E 174 6.88 0.44 31.58
C PRO E 174 5.58 0.03 32.24
N LEU E 175 5.61 -0.01 33.57
CA LEU E 175 4.43 -0.28 34.38
C LEU E 175 3.65 1.01 34.60
N LYS E 176 2.34 0.87 34.82
CA LYS E 176 1.50 2.00 35.21
C LYS E 176 1.43 2.08 36.72
N GLU E 177 1.74 3.27 37.27
CA GLU E 177 1.74 3.43 38.71
C GLU E 177 0.34 3.50 39.28
N GLN E 178 -0.64 3.98 38.51
CA GLN E 178 -2.03 4.01 38.93
C GLN E 178 -2.87 3.51 37.75
N PRO E 179 -3.05 2.20 37.62
CA PRO E 179 -3.68 1.65 36.41
C PRO E 179 -5.07 2.19 36.13
N ALA E 180 -5.73 2.81 37.10
CA ALA E 180 -7.08 3.31 36.87
C ALA E 180 -7.07 4.54 35.97
N LEU E 181 -6.15 5.47 36.23
CA LEU E 181 -6.14 6.73 35.49
C LEU E 181 -5.65 6.52 34.05
N ASN E 182 -6.26 7.25 33.12
CA ASN E 182 -5.84 7.24 31.72
C ASN E 182 -4.57 8.03 31.49
N ASP E 183 -4.15 8.84 32.47
CA ASP E 183 -2.94 9.66 32.37
C ASP E 183 -1.95 9.30 33.46
N SER E 184 -1.98 8.05 33.92
CA SER E 184 -1.14 7.63 35.02
C SER E 184 0.33 7.75 34.66
N ARG E 185 1.15 8.14 35.63
CA ARG E 185 2.59 8.16 35.44
C ARG E 185 3.13 6.73 35.47
N TYR E 186 4.31 6.55 34.89
CA TYR E 186 4.86 5.23 34.64
C TYR E 186 6.07 4.96 35.51
N ALA E 187 6.44 3.67 35.56
CA ALA E 187 7.64 3.22 36.24
C ALA E 187 8.29 2.12 35.39
N LEU E 188 9.61 1.99 35.54
CA LEU E 188 10.36 1.02 34.77
C LEU E 188 11.55 0.57 35.60
N SER E 189 11.82 -0.74 35.59
CA SER E 189 12.90 -1.32 36.37
C SER E 189 13.87 -2.06 35.46
N SER E 190 15.13 -2.05 35.85
CA SER E 190 16.18 -2.79 35.16
C SER E 190 17.13 -3.35 36.21
N ARG E 191 17.87 -4.38 35.81
CA ARG E 191 18.82 -5.00 36.73
C ARG E 191 20.11 -5.31 35.99
N LEU E 192 21.22 -5.20 36.71
CA LEU E 192 22.55 -5.48 36.18
C LEU E 192 23.27 -6.38 37.18
N ARG E 193 23.66 -7.57 36.74
CA ARG E 193 24.31 -8.55 37.61
C ARG E 193 25.77 -8.72 37.21
N VAL E 194 26.66 -8.59 38.19
CA VAL E 194 28.09 -8.80 37.98
C VAL E 194 28.58 -9.77 39.06
N SER E 195 29.79 -10.25 38.88
CA SER E 195 30.41 -11.10 39.90
C SER E 195 30.67 -10.28 41.15
N ALA E 196 30.71 -10.99 42.30
CA ALA E 196 31.02 -10.32 43.56
C ALA E 196 32.40 -9.67 43.52
N THR E 197 33.35 -10.31 42.84
CA THR E 197 34.70 -9.75 42.71
C THR E 197 34.67 -8.43 41.95
N PHE E 198 33.93 -8.39 40.85
CA PHE E 198 33.82 -7.15 40.08
C PHE E 198 33.17 -6.04 40.89
N TRP E 199 32.14 -6.39 41.68
CA TRP E 199 31.44 -5.38 42.48
C TRP E 199 32.29 -4.93 43.66
N GLN E 200 33.17 -5.79 44.18
CA GLN E 200 33.99 -5.43 45.33
C GLN E 200 35.23 -4.63 44.95
N ASN E 201 35.48 -4.42 43.65
CA ASN E 201 36.58 -3.59 43.18
C ASN E 201 36.20 -2.12 43.36
N PRO E 202 36.89 -1.40 44.25
CA PRO E 202 36.49 0.00 44.54
C PRO E 202 36.68 0.96 43.37
N ARG E 203 37.38 0.55 42.32
CA ARG E 203 37.60 1.42 41.17
C ARG E 203 36.59 1.22 40.06
N ASN E 204 35.64 0.29 40.21
CA ASN E 204 34.62 0.05 39.21
C ASN E 204 33.45 1.01 39.43
N HIS E 205 33.02 1.68 38.37
CA HIS E 205 31.96 2.67 38.42
C HIS E 205 30.75 2.19 37.62
N PHE E 206 29.56 2.33 38.20
CA PHE E 206 28.32 1.87 37.58
C PHE E 206 27.35 3.03 37.47
N ARG E 207 26.67 3.14 36.33
CA ARG E 207 25.71 4.23 36.11
C ARG E 207 24.50 3.71 35.35
N CYS E 208 23.31 3.99 35.87
CA CYS E 208 22.05 3.78 35.17
C CYS E 208 21.60 5.10 34.55
N GLN E 209 21.37 5.09 33.25
CA GLN E 209 21.05 6.30 32.49
C GLN E 209 19.69 6.16 31.84
N VAL E 210 18.81 7.12 32.08
CA VAL E 210 17.46 7.12 31.52
C VAL E 210 17.32 8.37 30.67
N GLN E 211 17.32 8.20 29.35
CA GLN E 211 17.02 9.31 28.45
C GLN E 211 15.51 9.49 28.39
N PHE E 212 15.05 10.71 28.70
CA PHE E 212 13.63 11.04 28.67
C PHE E 212 13.38 12.02 27.53
N TYR E 213 12.31 11.77 26.77
CA TYR E 213 11.90 12.65 25.68
C TYR E 213 10.64 13.38 26.11
N GLY E 214 10.76 14.69 26.31
CA GLY E 214 9.64 15.48 26.80
C GLY E 214 9.30 16.67 25.95
N LEU E 215 9.14 17.83 26.58
CA LEU E 215 8.74 19.04 25.87
C LEU E 215 9.94 19.69 25.20
N SER E 216 9.66 20.44 24.13
CA SER E 216 10.67 21.18 23.41
C SER E 216 10.79 22.59 23.99
N GLU E 217 11.66 23.40 23.37
CA GLU E 217 11.71 24.81 23.74
C GLU E 217 10.53 25.57 23.16
N ASN E 218 9.97 25.07 22.05
CA ASN E 218 8.77 25.67 21.45
C ASN E 218 7.49 25.26 22.17
N ASP E 219 7.57 24.40 23.17
CA ASP E 219 6.42 24.03 23.99
C ASP E 219 6.27 25.04 25.12
N GLU E 220 5.08 25.64 25.22
CA GLU E 220 4.84 26.66 26.22
C GLU E 220 4.72 26.04 27.61
N TRP E 221 5.32 26.70 28.61
CA TRP E 221 5.32 26.21 29.99
C TRP E 221 5.06 27.38 30.92
N THR E 222 3.92 27.35 31.61
CA THR E 222 3.54 28.39 32.55
C THR E 222 3.57 27.93 34.00
N GLN E 223 3.94 26.68 34.26
CA GLN E 223 3.91 26.14 35.61
C GLN E 223 5.10 26.65 36.42
N ASP E 224 5.15 26.23 37.68
CA ASP E 224 6.21 26.64 38.59
C ASP E 224 7.37 25.66 38.62
N ARG E 225 7.08 24.36 38.55
CA ARG E 225 8.15 23.36 38.50
C ARG E 225 8.91 23.48 37.19
N ALA E 226 10.10 22.88 37.16
CA ALA E 226 10.95 22.94 35.99
C ALA E 226 10.23 22.36 34.78
N LYS E 227 10.50 22.95 33.62
CA LYS E 227 9.91 22.48 32.37
C LYS E 227 10.35 21.04 32.11
N PRO E 228 9.43 20.10 31.97
CA PRO E 228 9.83 18.71 31.72
C PRO E 228 10.36 18.52 30.31
N VAL E 229 11.57 19.02 30.05
CA VAL E 229 12.18 18.97 28.73
C VAL E 229 12.84 17.61 28.52
N THR E 230 13.18 17.31 27.26
CA THR E 230 14.03 16.17 26.96
C THR E 230 15.32 16.27 27.75
N GLN E 231 15.64 15.23 28.51
CA GLN E 231 16.80 15.27 29.39
C GLN E 231 17.25 13.86 29.71
N ILE E 232 18.44 13.77 30.29
CA ILE E 232 18.99 12.51 30.79
C ILE E 232 19.01 12.60 32.31
N VAL E 233 18.44 11.59 32.97
CA VAL E 233 18.46 11.47 34.42
C VAL E 233 19.21 10.19 34.77
N SER E 234 20.18 10.31 35.66
CA SER E 234 21.08 9.22 35.97
C SER E 234 21.17 8.99 37.47
N ALA E 235 21.63 7.80 37.83
CA ALA E 235 21.99 7.45 39.20
C ALA E 235 23.14 6.45 39.12
N GLU E 236 24.07 6.55 40.06
CA GLU E 236 25.32 5.80 39.94
C GLU E 236 25.69 5.15 41.26
N ALA E 237 26.73 4.32 41.21
CA ALA E 237 27.25 3.63 42.37
C ALA E 237 28.69 3.25 42.09
N TRP E 238 29.48 3.15 43.17
CA TRP E 238 30.87 2.74 43.10
C TRP E 238 31.04 1.39 43.77
N GLY E 239 32.07 0.66 43.36
CA GLY E 239 32.38 -0.62 43.98
C GLY E 239 32.51 -0.51 45.48
N ARG E 240 32.06 -1.54 46.20
CA ARG E 240 32.03 -1.54 47.65
C ARG E 240 33.10 -2.50 48.16
N ALA E 241 34.15 -1.96 48.76
CA ALA E 241 35.20 -2.76 49.36
C ALA E 241 34.90 -3.02 50.84
N ASP E 242 35.58 -4.02 51.40
CA ASP E 242 35.39 -4.45 52.78
C ASP E 242 33.94 -4.85 53.04
C1 NAG F . -25.33 -10.72 -37.56
C2 NAG F . -26.05 -11.52 -36.45
C3 NAG F . -26.07 -13.01 -36.78
C4 NAG F . -26.63 -13.24 -38.18
C5 NAG F . -25.82 -12.44 -39.19
C6 NAG F . -26.32 -12.55 -40.61
C7 NAG F . -26.05 -10.80 -34.11
C8 NAG F . -25.23 -10.63 -32.86
N2 NAG F . -25.42 -11.29 -35.17
O3 NAG F . -26.87 -13.70 -35.83
O4 NAG F . -26.58 -14.63 -38.51
O5 NAG F . -25.90 -11.05 -38.84
O6 NAG F . -27.63 -12.01 -40.75
O7 NAG F . -27.24 -10.50 -34.15
C1 NAG F . -27.91 -15.09 -38.84
C2 NAG F . -27.76 -16.39 -39.64
C3 NAG F . -29.13 -16.96 -40.00
C4 NAG F . -30.00 -17.10 -38.75
C5 NAG F . -30.05 -15.77 -38.00
C6 NAG F . -30.80 -15.87 -36.69
C7 NAG F . -25.65 -16.44 -40.90
C8 NAG F . -24.99 -16.15 -42.21
N2 NAG F . -26.97 -16.17 -40.84
O3 NAG F . -28.97 -18.22 -40.63
O4 NAG F . -31.32 -17.49 -39.12
O5 NAG F . -28.72 -15.34 -37.68
O6 NAG F . -31.35 -14.62 -36.31
O7 NAG F . -25.04 -16.88 -39.94
C1 GOL G . 6.82 -6.50 -35.66
O1 GOL G . 7.54 -6.40 -36.84
C2 GOL G . 7.83 -6.73 -34.51
O2 GOL G . 8.83 -5.76 -34.49
C3 GOL G . 6.99 -6.72 -33.21
O3 GOL G . 7.88 -6.85 -32.15
C1 NAG H . 5.58 16.37 -14.61
C2 NAG H . 5.70 15.80 -13.19
C3 NAG H . 4.99 16.72 -12.19
C4 NAG H . 5.52 18.15 -12.33
C5 NAG H . 5.41 18.61 -13.78
C6 NAG H . 6.02 19.98 -14.01
C7 NAG H . 5.69 13.51 -12.33
C8 NAG H . 5.00 12.17 -12.37
N2 NAG H . 5.16 14.46 -13.11
O3 NAG H . 5.22 16.26 -10.87
O4 NAG H . 4.77 19.02 -11.49
O5 NAG H . 6.09 17.70 -14.64
O6 NAG H . 7.40 20.00 -13.62
O7 NAG H . 6.67 13.71 -11.63
C ACT I . 8.60 -7.83 -26.29
O ACT I . 9.01 -7.42 -27.41
OXT ACT I . 8.83 -7.36 -25.13
CH3 ACT I . 7.67 -9.07 -26.30
C ACT J . -4.87 -21.55 13.81
O ACT J . -4.58 -22.78 13.64
OXT ACT J . -5.69 -20.84 13.17
CH3 ACT J . -4.11 -20.83 14.96
C ACT K . 5.89 18.22 13.58
O ACT K . 6.81 18.27 12.73
OXT ACT K . 4.65 18.31 13.40
CH3 ACT K . 6.32 18.01 15.06
C1 GOL L . -1.60 -3.28 -0.99
O1 GOL L . -1.72 -2.63 0.23
C2 GOL L . -0.38 -2.67 -1.71
O2 GOL L . -0.45 -1.28 -1.75
C3 GOL L . 0.83 -3.19 -0.91
O3 GOL L . 0.66 -2.75 0.40
#